data_2JO5
#
_entry.id   2JO5
#
_cell.length_a   1.000
_cell.length_b   1.000
_cell.length_c   1.000
_cell.angle_alpha   90.00
_cell.angle_beta   90.00
_cell.angle_gamma   90.00
#
_symmetry.space_group_name_H-M   'P 1'
#
_entity_poly.entity_id   1
_entity_poly.type   'polypeptide(L)'
_entity_poly.pdbx_seq_one_letter_code
;(ACE)AKAAAAAIKAIAAIIKAGGF(NH2)
;
_entity_poly.pdbx_strand_id   A,B,C,D
#
# COMPACT_ATOMS: atom_id res chain seq x y z
N ALA A 2 10.25 -6.04 4.58
CA ALA A 2 9.02 -6.75 4.29
C ALA A 2 8.71 -7.85 5.26
N LYS A 3 9.49 -8.05 6.30
CA LYS A 3 9.09 -8.77 7.48
C LYS A 3 7.76 -8.29 8.05
N ALA A 4 7.49 -6.99 7.99
CA ALA A 4 6.26 -6.33 8.34
C ALA A 4 5.13 -6.42 7.33
N ALA A 5 5.34 -7.04 6.18
CA ALA A 5 4.45 -6.87 5.05
C ALA A 5 3.08 -7.49 5.22
N ALA A 6 2.94 -8.72 5.71
CA ALA A 6 1.65 -9.30 5.99
C ALA A 6 0.79 -8.41 6.86
N ALA A 7 1.32 -7.90 7.95
CA ALA A 7 0.70 -6.97 8.87
C ALA A 7 0.27 -5.67 8.22
N ALA A 8 1.02 -5.12 7.28
CA ALA A 8 0.65 -3.90 6.62
C ALA A 8 -0.43 -4.10 5.58
N ILE A 9 -0.19 -5.09 4.72
CA ILE A 9 -0.89 -5.33 3.48
C ILE A 9 -2.26 -5.93 3.74
N LYS A 10 -2.40 -6.76 4.77
CA LYS A 10 -3.63 -7.43 5.12
C LYS A 10 -4.67 -6.48 5.67
N ALA A 11 -4.25 -5.33 6.18
CA ALA A 11 -5.15 -4.21 6.36
C ALA A 11 -5.51 -3.62 5.02
N ILE A 12 -4.55 -3.10 4.25
CA ILE A 12 -4.85 -2.28 3.10
C ILE A 12 -5.60 -3.05 2.02
N ALA A 13 -5.25 -4.27 1.67
CA ALA A 13 -6.01 -4.97 0.65
C ALA A 13 -7.44 -5.27 1.05
N ALA A 14 -7.72 -5.39 2.35
CA ALA A 14 -9.05 -5.55 2.87
C ALA A 14 -9.83 -4.25 2.90
N ILE A 15 -9.17 -3.16 3.23
CA ILE A 15 -9.71 -1.82 3.20
C ILE A 15 -9.96 -1.36 1.78
N ILE A 16 -9.12 -1.72 0.82
CA ILE A 16 -9.28 -1.61 -0.61
C ILE A 16 -10.54 -2.23 -1.15
N LYS A 17 -10.81 -3.48 -0.75
CA LYS A 17 -12.02 -4.20 -1.09
C LYS A 17 -13.25 -3.49 -0.58
N ALA A 18 -13.17 -2.74 0.51
CA ALA A 18 -14.26 -1.94 1.01
C ALA A 18 -14.37 -0.60 0.31
N GLY A 19 -13.27 0.10 0.14
CA GLY A 19 -13.20 1.41 -0.46
C GLY A 19 -13.55 1.46 -1.92
N GLY A 20 -13.00 0.55 -2.68
CA GLY A 20 -13.22 0.50 -4.10
C GLY A 20 -12.29 1.37 -4.89
N PHE A 21 -11.02 1.33 -4.57
CA PHE A 21 -9.95 2.13 -5.13
C PHE A 21 -9.67 1.89 -6.59
N ALA B 2 -11.82 6.68 -3.43
CA ALA B 2 -10.69 7.33 -2.80
C ALA B 2 -11.02 8.05 -1.52
N LYS B 3 -12.28 8.08 -1.10
CA LYS B 3 -12.69 8.42 0.24
C LYS B 3 -11.91 7.71 1.33
N ALA B 4 -11.54 6.47 1.08
CA ALA B 4 -10.77 5.58 1.92
C ALA B 4 -9.28 5.82 1.92
N ALA B 5 -8.75 6.78 1.15
CA ALA B 5 -7.34 6.88 0.85
C ALA B 5 -6.48 7.65 1.82
N ALA B 6 -7.00 8.07 2.96
CA ALA B 6 -6.22 8.28 4.16
C ALA B 6 -6.20 7.03 5.01
N ALA B 7 -7.38 6.55 5.36
CA ALA B 7 -7.62 5.45 6.26
C ALA B 7 -6.95 4.16 5.85
N ALA B 8 -6.88 3.83 4.57
CA ALA B 8 -6.20 2.64 4.12
C ALA B 8 -4.70 2.76 4.21
N ILE B 9 -4.22 3.96 3.96
CA ILE B 9 -2.83 4.31 3.80
C ILE B 9 -2.19 4.46 5.17
N LYS B 10 -2.90 5.00 6.15
CA LYS B 10 -2.47 5.08 7.53
C LYS B 10 -2.14 3.69 8.05
N ALA B 11 -2.92 2.70 7.69
CA ALA B 11 -2.72 1.31 8.04
C ALA B 11 -1.62 0.57 7.29
N ILE B 12 -0.87 1.23 6.43
CA ILE B 12 0.40 0.79 5.90
C ILE B 12 1.52 1.76 6.16
N ALA B 13 1.39 3.07 5.98
CA ALA B 13 2.50 3.98 6.11
C ALA B 13 3.07 4.07 7.50
N ALA B 14 2.26 3.84 8.51
CA ALA B 14 2.66 3.77 9.89
C ALA B 14 3.36 2.46 10.26
N ILE B 15 3.12 1.44 9.46
CA ILE B 15 3.70 0.13 9.59
C ILE B 15 4.98 0.03 8.77
N ILE B 16 5.03 0.64 7.59
CA ILE B 16 6.21 0.94 6.81
C ILE B 16 7.29 1.60 7.65
N LYS B 17 6.92 2.62 8.42
CA LYS B 17 7.77 3.31 9.36
C LYS B 17 8.48 2.38 10.33
N ALA B 18 7.84 1.32 10.80
CA ALA B 18 8.44 0.28 11.58
C ALA B 18 9.20 -0.72 10.74
N GLY B 19 8.64 -1.22 9.65
CA GLY B 19 9.18 -2.28 8.82
C GLY B 19 10.44 -1.91 8.05
N GLY B 20 10.47 -0.79 7.37
CA GLY B 20 11.58 -0.39 6.54
C GLY B 20 11.54 -1.01 5.16
N PHE B 21 10.38 -1.02 4.52
CA PHE B 21 10.06 -1.72 3.32
C PHE B 21 10.88 -1.29 2.15
N ALA C 2 5.22 -11.95 -0.10
CA ALA C 2 5.94 -10.73 0.14
C ALA C 2 7.26 -10.65 -0.59
N LYS C 3 7.58 -11.63 -1.42
CA LYS C 3 8.63 -11.62 -2.40
C LYS C 3 8.56 -10.42 -3.34
N ALA C 4 7.37 -9.92 -3.61
CA ALA C 4 7.10 -8.74 -4.39
C ALA C 4 7.19 -7.43 -3.63
N ALA C 5 7.31 -7.47 -2.31
CA ALA C 5 6.96 -6.36 -1.46
C ALA C 5 7.93 -5.19 -1.41
N ALA C 6 9.23 -5.44 -1.44
CA ALA C 6 10.25 -4.45 -1.61
C ALA C 6 10.06 -3.69 -2.92
N ALA C 7 10.01 -4.42 -4.03
CA ALA C 7 9.80 -3.87 -5.34
C ALA C 7 8.45 -3.23 -5.55
N ALA C 8 7.44 -3.54 -4.74
CA ALA C 8 6.17 -2.84 -4.74
C ALA C 8 6.33 -1.50 -4.03
N ILE C 9 6.78 -1.53 -2.79
CA ILE C 9 6.68 -0.40 -1.88
C ILE C 9 7.81 0.58 -2.04
N LYS C 10 8.93 0.20 -2.66
CA LYS C 10 9.97 1.13 -2.99
C LYS C 10 9.59 2.08 -4.10
N ALA C 11 8.57 1.74 -4.88
CA ALA C 11 7.73 2.68 -5.60
C ALA C 11 6.74 3.33 -4.67
N ILE C 12 5.85 2.57 -4.01
CA ILE C 12 4.66 3.11 -3.41
C ILE C 12 4.91 4.06 -2.25
N ALA C 13 5.91 3.83 -1.41
CA ALA C 13 6.27 4.76 -0.38
C ALA C 13 6.77 6.09 -0.92
N ALA C 14 7.40 6.13 -2.09
CA ALA C 14 7.91 7.29 -2.78
C ALA C 14 6.80 8.03 -3.51
N ILE C 15 5.79 7.33 -3.97
CA ILE C 15 4.54 7.79 -4.54
C ILE C 15 3.66 8.35 -3.44
N ILE C 16 3.66 7.78 -2.23
CA ILE C 16 3.12 8.39 -1.04
C ILE C 16 3.80 9.69 -0.64
N LYS C 17 5.13 9.74 -0.67
CA LYS C 17 5.90 10.95 -0.46
C LYS C 17 5.65 12.02 -1.51
N ALA C 18 5.19 11.69 -2.71
CA ALA C 18 4.70 12.58 -3.73
C ALA C 18 3.26 12.98 -3.53
N GLY C 19 2.39 12.06 -3.15
CA GLY C 19 1.00 12.29 -2.88
C GLY C 19 0.73 13.10 -1.64
N GLY C 20 1.12 12.64 -0.48
CA GLY C 20 0.74 13.13 0.81
C GLY C 20 -0.49 12.48 1.40
N PHE C 21 -0.69 11.20 1.18
CA PHE C 21 -1.85 10.40 1.47
C PHE C 21 -2.39 10.54 2.86
N ALA D 2 -4.64 12.04 -2.27
CA ALA D 2 -5.13 10.98 -3.13
C ALA D 2 -5.11 11.35 -4.60
N LYS D 3 -4.59 12.51 -4.98
CA LYS D 3 -4.10 12.82 -6.30
C LYS D 3 -3.24 11.75 -6.92
N ALA D 4 -2.46 11.08 -6.07
CA ALA D 4 -1.57 10.00 -6.37
C ALA D 4 -2.20 8.63 -6.29
N ALA D 5 -3.45 8.50 -5.85
CA ALA D 5 -4.02 7.23 -5.48
C ALA D 5 -4.10 6.24 -6.61
N ALA D 6 -4.63 6.61 -7.78
CA ALA D 6 -4.72 5.71 -8.90
C ALA D 6 -3.37 5.26 -9.42
N ALA D 7 -2.32 5.98 -9.15
CA ALA D 7 -0.94 5.63 -9.41
C ALA D 7 -0.35 4.73 -8.37
N ALA D 8 -0.72 4.81 -7.11
CA ALA D 8 -0.22 3.92 -6.09
C ALA D 8 -0.96 2.61 -6.09
N ILE D 9 -2.28 2.72 -5.98
CA ILE D 9 -3.16 1.61 -5.66
C ILE D 9 -3.22 0.65 -6.83
N LYS D 10 -3.33 1.17 -8.04
CA LYS D 10 -3.60 0.37 -9.21
C LYS D 10 -2.39 -0.42 -9.66
N ALA D 11 -1.19 0.05 -9.32
CA ALA D 11 -0.01 -0.79 -9.27
C ALA D 11 -0.09 -1.79 -8.14
N ILE D 12 -0.21 -1.35 -6.89
CA ILE D 12 0.02 -2.21 -5.75
C ILE D 12 -1.02 -3.32 -5.60
N ALA D 13 -2.29 -3.08 -5.87
CA ALA D 13 -3.27 -4.15 -5.80
C ALA D 13 -3.13 -5.19 -6.90
N ALA D 14 -2.57 -4.80 -8.04
CA ALA D 14 -2.23 -5.73 -9.10
C ALA D 14 -0.95 -6.51 -8.85
N ILE D 15 0.04 -5.84 -8.25
CA ILE D 15 1.27 -6.42 -7.79
C ILE D 15 0.99 -7.40 -6.66
N ILE D 16 0.10 -7.08 -5.73
CA ILE D 16 -0.47 -7.97 -4.75
C ILE D 16 -1.11 -9.23 -5.30
N LYS D 17 -1.95 -9.06 -6.31
CA LYS D 17 -2.54 -10.12 -7.09
C LYS D 17 -1.53 -11.08 -7.65
N ALA D 18 -0.35 -10.62 -7.99
CA ALA D 18 0.77 -11.40 -8.44
C ALA D 18 1.64 -11.93 -7.32
N GLY D 19 1.83 -11.17 -6.26
CA GLY D 19 2.65 -11.53 -5.12
C GLY D 19 2.01 -12.53 -4.19
N GLY D 20 0.94 -12.14 -3.51
CA GLY D 20 0.34 -12.88 -2.43
C GLY D 20 0.85 -12.44 -1.09
N PHE D 21 0.78 -11.16 -0.79
CA PHE D 21 1.46 -10.46 0.27
C PHE D 21 1.05 -10.88 1.65
N ALA A 2 10.05 -6.63 6.01
CA ALA A 2 8.88 -7.37 5.63
C ALA A 2 8.40 -8.31 6.71
N LYS A 3 8.97 -8.35 7.91
CA LYS A 3 8.35 -8.83 9.11
C LYS A 3 7.00 -8.20 9.39
N ALA A 4 6.84 -6.96 8.98
CA ALA A 4 5.64 -6.18 9.03
C ALA A 4 4.69 -6.34 7.85
N ALA A 5 5.00 -7.23 6.91
CA ALA A 5 4.39 -7.15 5.60
C ALA A 5 2.89 -7.34 5.56
N ALA A 6 2.36 -8.43 6.10
CA ALA A 6 0.94 -8.68 6.06
C ALA A 6 0.10 -7.67 6.82
N ALA A 7 0.67 -7.05 7.85
CA ALA A 7 0.07 -5.94 8.57
C ALA A 7 0.00 -4.67 7.75
N ALA A 8 0.97 -4.41 6.88
CA ALA A 8 0.83 -3.42 5.85
C ALA A 8 -0.11 -3.86 4.75
N ILE A 9 0.38 -4.65 3.79
CA ILE A 9 -0.21 -4.70 2.47
C ILE A 9 -1.49 -5.50 2.45
N LYS A 10 -1.69 -6.40 3.42
CA LYS A 10 -2.75 -7.37 3.36
C LYS A 10 -3.96 -6.91 4.16
N ALA A 11 -3.72 -6.14 5.20
CA ALA A 11 -4.71 -5.25 5.76
C ALA A 11 -5.20 -4.30 4.68
N ILE A 12 -4.29 -3.61 4.02
CA ILE A 12 -4.61 -2.67 2.97
C ILE A 12 -5.35 -3.30 1.81
N ALA A 13 -5.05 -4.54 1.40
CA ALA A 13 -5.81 -5.20 0.37
C ALA A 13 -7.27 -5.49 0.72
N ALA A 14 -7.55 -5.77 1.99
CA ALA A 14 -8.88 -5.94 2.55
C ALA A 14 -9.60 -4.62 2.72
N ILE A 15 -8.88 -3.56 3.07
CA ILE A 15 -9.37 -2.20 3.15
C ILE A 15 -9.70 -1.71 1.75
N ILE A 16 -8.90 -1.97 0.72
CA ILE A 16 -9.16 -1.76 -0.69
C ILE A 16 -10.41 -2.43 -1.22
N LYS A 17 -10.58 -3.71 -0.92
CA LYS A 17 -11.78 -4.46 -1.23
C LYS A 17 -13.03 -3.80 -0.70
N ALA A 18 -12.97 -3.10 0.44
CA ALA A 18 -14.02 -2.25 0.94
C ALA A 18 -14.02 -0.87 0.34
N GLY A 19 -12.88 -0.25 0.09
CA GLY A 19 -12.71 1.15 -0.20
C GLY A 19 -12.73 1.58 -1.64
N GLY A 20 -12.59 0.68 -2.60
CA GLY A 20 -12.80 0.92 -4.00
C GLY A 20 -11.80 1.88 -4.61
N PHE A 21 -10.55 1.75 -4.33
CA PHE A 21 -9.47 2.62 -4.70
C PHE A 21 -9.13 2.67 -6.16
N ALA B 2 -12.61 5.62 -2.59
CA ALA B 2 -11.48 6.39 -2.11
C ALA B 2 -11.76 7.24 -0.90
N LYS B 3 -12.90 7.09 -0.23
CA LYS B 3 -13.16 7.67 1.07
C LYS B 3 -12.24 7.09 2.12
N ALA B 4 -11.79 5.86 1.92
CA ALA B 4 -10.80 5.15 2.69
C ALA B 4 -9.37 5.62 2.51
N ALA B 5 -9.10 6.53 1.57
CA ALA B 5 -7.80 6.90 1.08
C ALA B 5 -7.05 7.98 1.83
N ALA B 6 -7.42 8.20 3.09
CA ALA B 6 -6.53 8.66 4.12
C ALA B 6 -6.26 7.57 5.14
N ALA B 7 -7.28 6.90 5.63
CA ALA B 7 -7.27 5.89 6.66
C ALA B 7 -6.42 4.69 6.30
N ALA B 8 -6.42 4.27 5.04
CA ALA B 8 -5.60 3.19 4.56
C ALA B 8 -4.13 3.58 4.57
N ILE B 9 -3.86 4.82 4.19
CA ILE B 9 -2.53 5.35 4.04
C ILE B 9 -1.89 5.56 5.40
N LYS B 10 -2.65 6.11 6.34
CA LYS B 10 -2.18 6.49 7.64
C LYS B 10 -1.90 5.31 8.55
N ALA B 11 -2.51 4.17 8.25
CA ALA B 11 -2.04 2.88 8.67
C ALA B 11 -0.73 2.50 8.02
N ILE B 12 -0.74 2.30 6.70
CA ILE B 12 0.37 1.68 6.01
C ILE B 12 1.64 2.50 6.12
N ALA B 13 1.62 3.81 5.87
CA ALA B 13 2.81 4.63 5.89
C ALA B 13 3.34 4.96 7.27
N ALA B 14 2.84 4.30 8.29
CA ALA B 14 3.47 4.09 9.58
C ALA B 14 4.00 2.70 9.78
N ILE B 15 3.25 1.68 9.37
CA ILE B 15 3.62 0.28 9.34
C ILE B 15 4.86 0.04 8.49
N ILE B 16 5.01 0.70 7.36
CA ILE B 16 6.16 0.86 6.50
C ILE B 16 7.42 1.15 7.29
N LYS B 17 7.38 2.25 8.02
CA LYS B 17 8.44 2.88 8.78
C LYS B 17 8.84 2.02 9.98
N ALA B 18 7.86 1.39 10.60
CA ALA B 18 7.96 0.48 11.72
C ALA B 18 8.50 -0.88 11.32
N GLY B 19 8.11 -1.40 10.15
CA GLY B 19 8.70 -2.54 9.54
C GLY B 19 10.16 -2.35 9.21
N GLY B 20 10.42 -1.34 8.39
CA GLY B 20 11.69 -1.03 7.80
C GLY B 20 11.76 -1.27 6.31
N PHE B 21 10.64 -1.39 5.64
CA PHE B 21 10.52 -1.63 4.23
C PHE B 21 10.15 -0.41 3.43
N ALA C 2 5.70 -12.12 -0.18
CA ALA C 2 6.52 -10.98 0.15
C ALA C 2 7.89 -10.97 -0.50
N LYS C 3 8.22 -11.92 -1.37
CA LYS C 3 9.23 -11.78 -2.37
C LYS C 3 9.04 -10.60 -3.31
N ALA C 4 7.80 -10.29 -3.63
CA ALA C 4 7.32 -9.14 -4.35
C ALA C 4 7.26 -7.85 -3.54
N ALA C 5 7.66 -7.84 -2.28
CA ALA C 5 7.60 -6.70 -1.41
C ALA C 5 8.40 -5.50 -1.90
N ALA C 6 9.69 -5.63 -2.20
CA ALA C 6 10.54 -4.55 -2.65
C ALA C 6 10.13 -3.93 -3.96
N ALA C 7 9.23 -4.52 -4.72
CA ALA C 7 8.48 -3.90 -5.79
C ALA C 7 7.19 -3.23 -5.37
N ALA C 8 6.34 -3.85 -4.55
CA ALA C 8 5.07 -3.31 -4.13
C ALA C 8 5.23 -2.06 -3.30
N ILE C 9 6.10 -2.18 -2.30
CA ILE C 9 6.33 -1.18 -1.27
C ILE C 9 6.94 0.06 -1.89
N LYS C 10 7.88 -0.09 -2.80
CA LYS C 10 8.52 1.00 -3.51
C LYS C 10 7.58 1.72 -4.47
N ALA C 11 6.67 1.02 -5.11
CA ALA C 11 5.65 1.56 -5.96
C ALA C 11 4.51 2.24 -5.24
N ILE C 12 4.47 2.13 -3.92
CA ILE C 12 3.64 2.92 -3.04
C ILE C 12 4.43 3.92 -2.22
N ALA C 13 5.39 3.57 -1.36
CA ALA C 13 5.94 4.44 -0.36
C ALA C 13 6.84 5.54 -0.87
N ALA C 14 7.21 5.51 -2.15
CA ALA C 14 7.80 6.63 -2.84
C ALA C 14 6.78 7.53 -3.49
N ILE C 15 5.64 7.00 -3.88
CA ILE C 15 4.49 7.65 -4.46
C ILE C 15 3.67 8.35 -3.39
N ILE C 16 3.47 7.78 -2.21
CA ILE C 16 3.00 8.38 -0.98
C ILE C 16 3.47 9.82 -0.82
N LYS C 17 4.80 9.95 -0.86
CA LYS C 17 5.58 11.11 -0.53
C LYS C 17 5.46 12.21 -1.58
N ALA C 18 5.44 11.78 -2.83
CA ALA C 18 5.17 12.59 -3.99
C ALA C 18 3.74 13.05 -4.05
N GLY C 19 2.80 12.20 -3.65
CA GLY C 19 1.39 12.50 -3.61
C GLY C 19 1.04 13.44 -2.49
N GLY C 20 1.42 13.10 -1.27
CA GLY C 20 1.15 13.80 -0.04
C GLY C 20 0.03 13.17 0.75
N PHE C 21 -0.19 11.89 0.69
CA PHE C 21 -1.29 11.16 1.28
C PHE C 21 -0.96 10.34 2.50
N ALA D 2 -4.31 12.46 -2.23
CA ALA D 2 -4.93 11.31 -2.84
C ALA D 2 -5.13 11.40 -4.32
N LYS D 3 -4.75 12.51 -4.94
CA LYS D 3 -4.61 12.65 -6.38
C LYS D 3 -3.70 11.63 -7.01
N ALA D 4 -2.74 11.10 -6.27
CA ALA D 4 -1.83 10.03 -6.62
C ALA D 4 -2.37 8.64 -6.41
N ALA D 5 -3.48 8.51 -5.70
CA ALA D 5 -3.91 7.25 -5.14
C ALA D 5 -4.31 6.22 -6.20
N ALA D 6 -5.06 6.58 -7.22
CA ALA D 6 -5.38 5.66 -8.28
C ALA D 6 -4.16 5.14 -8.98
N ALA D 7 -3.10 5.88 -9.14
CA ALA D 7 -1.83 5.44 -9.65
C ALA D 7 -1.07 4.55 -8.70
N ALA D 8 -1.12 4.84 -7.40
CA ALA D 8 -0.37 4.19 -6.38
C ALA D 8 -0.95 2.82 -6.09
N ILE D 9 -2.25 2.79 -5.91
CA ILE D 9 -3.03 1.65 -5.49
C ILE D 9 -3.14 0.64 -6.62
N LYS D 10 -3.28 1.13 -7.84
CA LYS D 10 -3.38 0.31 -9.02
C LYS D 10 -2.08 -0.33 -9.44
N ALA D 11 -0.93 0.21 -9.03
CA ALA D 11 0.29 -0.56 -8.92
C ALA D 11 0.16 -1.61 -7.83
N ILE D 12 0.03 -1.22 -6.57
CA ILE D 12 0.21 -2.12 -5.44
C ILE D 12 -0.78 -3.27 -5.44
N ALA D 13 -2.06 -3.04 -5.72
CA ALA D 13 -3.04 -4.10 -5.79
C ALA D 13 -2.80 -5.12 -6.90
N ALA D 14 -2.23 -4.68 -8.01
CA ALA D 14 -1.89 -5.50 -9.15
C ALA D 14 -0.56 -6.19 -8.96
N ILE D 15 0.36 -5.59 -8.22
CA ILE D 15 1.62 -6.18 -7.81
C ILE D 15 1.34 -7.25 -6.76
N ILE D 16 0.40 -7.03 -5.85
CA ILE D 16 -0.18 -8.03 -4.98
C ILE D 16 -0.68 -9.23 -5.75
N LYS D 17 -1.52 -8.98 -6.76
CA LYS D 17 -2.04 -10.00 -7.64
C LYS D 17 -0.97 -10.82 -8.34
N ALA D 18 0.22 -10.27 -8.57
CA ALA D 18 1.40 -10.97 -9.02
C ALA D 18 2.15 -11.65 -7.91
N GLY D 19 2.45 -10.99 -6.80
CA GLY D 19 3.21 -11.49 -5.68
C GLY D 19 2.58 -12.67 -4.96
N GLY D 20 1.31 -12.61 -4.65
CA GLY D 20 0.57 -13.57 -3.87
C GLY D 20 0.75 -13.35 -2.38
N PHE D 21 0.77 -12.11 -1.94
CA PHE D 21 1.01 -11.68 -0.59
C PHE D 21 0.07 -12.28 0.43
N ALA A 2 10.44 -6.23 6.48
CA ALA A 2 9.33 -6.86 5.80
C ALA A 2 8.61 -7.92 6.61
N LYS A 3 8.90 -8.07 7.90
CA LYS A 3 8.15 -8.86 8.84
C LYS A 3 6.75 -8.34 9.03
N ALA A 4 6.55 -7.04 8.86
CA ALA A 4 5.31 -6.31 8.82
C ALA A 4 4.45 -6.57 7.59
N ALA A 5 4.99 -7.23 6.59
CA ALA A 5 4.47 -7.34 5.25
C ALA A 5 3.48 -8.46 4.99
N ALA A 6 2.95 -9.11 6.01
CA ALA A 6 1.62 -9.65 6.00
C ALA A 6 0.65 -8.66 6.60
N ALA A 7 0.88 -8.18 7.82
CA ALA A 7 -0.01 -7.33 8.58
C ALA A 7 -0.44 -6.08 7.86
N ALA A 8 0.46 -5.46 7.11
CA ALA A 8 0.19 -4.22 6.41
C ALA A 8 -0.75 -4.45 5.26
N ILE A 9 -0.44 -5.50 4.51
CA ILE A 9 -1.16 -5.92 3.33
C ILE A 9 -2.56 -6.41 3.67
N LYS A 10 -2.69 -7.20 4.73
CA LYS A 10 -3.93 -7.77 5.20
C LYS A 10 -4.91 -6.75 5.74
N ALA A 11 -4.45 -5.63 6.25
CA ALA A 11 -5.24 -4.44 6.35
C ALA A 11 -5.60 -3.91 4.97
N ILE A 12 -4.60 -3.50 4.20
CA ILE A 12 -4.79 -2.68 3.03
C ILE A 12 -5.60 -3.37 1.95
N ALA A 13 -5.40 -4.65 1.61
CA ALA A 13 -6.20 -5.32 0.60
C ALA A 13 -7.68 -5.43 0.96
N ALA A 14 -8.00 -5.55 2.25
CA ALA A 14 -9.35 -5.56 2.74
C ALA A 14 -9.99 -4.18 2.79
N ILE A 15 -9.19 -3.16 3.05
CA ILE A 15 -9.53 -1.76 2.96
C ILE A 15 -9.79 -1.35 1.53
N ILE A 16 -8.96 -1.76 0.58
CA ILE A 16 -9.12 -1.63 -0.86
C ILE A 16 -10.41 -2.22 -1.38
N LYS A 17 -10.79 -3.39 -0.86
CA LYS A 17 -12.04 -4.05 -1.17
C LYS A 17 -13.25 -3.23 -0.77
N ALA A 18 -13.16 -2.36 0.23
CA ALA A 18 -14.16 -1.39 0.56
C ALA A 18 -14.04 -0.13 -0.25
N GLY A 19 -12.84 0.38 -0.46
CA GLY A 19 -12.58 1.61 -1.15
C GLY A 19 -12.84 1.60 -2.64
N GLY A 20 -12.34 0.61 -3.37
CA GLY A 20 -12.32 0.52 -4.81
C GLY A 20 -11.25 1.29 -5.54
N PHE A 21 -10.11 1.50 -4.91
CA PHE A 21 -8.99 2.29 -5.34
C PHE A 21 -8.63 2.15 -6.80
N ALA B 2 -12.27 5.49 -2.82
CA ALA B 2 -12.73 6.84 -3.02
C ALA B 2 -12.63 7.71 -1.79
N LYS B 3 -12.98 7.16 -0.64
CA LYS B 3 -12.88 7.76 0.68
C LYS B 3 -12.13 6.91 1.68
N ALA B 4 -11.81 5.66 1.34
CA ALA B 4 -11.03 4.75 2.12
C ALA B 4 -9.55 5.08 2.17
N ALA B 5 -9.12 6.13 1.48
CA ALA B 5 -7.73 6.44 1.27
C ALA B 5 -6.98 6.61 2.57
N ALA B 6 -7.43 7.48 3.45
CA ALA B 6 -6.80 7.74 4.72
C ALA B 6 -6.57 6.48 5.54
N ALA B 7 -7.50 5.58 5.57
CA ALA B 7 -7.38 4.29 6.21
C ALA B 7 -6.32 3.40 5.64
N ALA B 8 -6.07 3.40 4.34
CA ALA B 8 -5.03 2.63 3.67
C ALA B 8 -3.66 3.26 3.82
N ILE B 9 -3.52 4.56 3.59
CA ILE B 9 -2.26 5.25 3.70
C ILE B 9 -1.71 5.15 5.10
N LYS B 10 -2.52 5.46 6.10
CA LYS B 10 -2.13 5.51 7.50
C LYS B 10 -1.79 4.16 8.07
N ALA B 11 -2.38 3.09 7.58
CA ALA B 11 -2.06 1.73 7.93
C ALA B 11 -0.91 1.14 7.13
N ILE B 12 -0.36 1.89 6.18
CA ILE B 12 0.82 1.50 5.46
C ILE B 12 1.98 2.44 5.74
N ALA B 13 1.93 3.75 5.52
CA ALA B 13 3.09 4.59 5.58
C ALA B 13 3.70 4.64 6.97
N ALA B 14 2.86 4.68 8.00
CA ALA B 14 3.27 4.62 9.38
C ALA B 14 3.79 3.27 9.82
N ILE B 15 3.33 2.19 9.18
CA ILE B 15 3.79 0.84 9.33
C ILE B 15 5.14 0.61 8.66
N ILE B 16 5.32 1.15 7.45
CA ILE B 16 6.56 1.16 6.72
C ILE B 16 7.69 1.81 7.50
N LYS B 17 7.42 2.94 8.15
CA LYS B 17 8.34 3.65 9.00
C LYS B 17 8.93 2.82 10.12
N ALA B 18 8.22 1.79 10.57
CA ALA B 18 8.72 0.75 11.44
C ALA B 18 9.17 -0.49 10.72
N GLY B 19 8.58 -0.95 9.66
CA GLY B 19 8.74 -2.25 9.05
C GLY B 19 9.79 -2.38 7.98
N GLY B 20 10.35 -1.32 7.43
CA GLY B 20 11.51 -1.41 6.60
C GLY B 20 11.35 -2.22 5.35
N PHE B 21 10.35 -1.94 4.55
CA PHE B 21 9.79 -2.76 3.52
C PHE B 21 10.68 -2.87 2.32
N ALA C 2 5.39 -11.96 0.42
CA ALA C 2 6.15 -10.78 0.75
C ALA C 2 7.55 -10.77 0.18
N LYS C 3 8.01 -11.82 -0.51
CA LYS C 3 9.09 -11.76 -1.45
C LYS C 3 9.01 -10.59 -2.40
N ALA C 4 7.82 -10.21 -2.86
CA ALA C 4 7.50 -9.10 -3.71
C ALA C 4 7.45 -7.76 -3.00
N ALA C 5 7.61 -7.72 -1.69
CA ALA C 5 7.31 -6.53 -0.91
C ALA C 5 8.20 -5.33 -1.20
N ALA C 6 9.51 -5.45 -1.25
CA ALA C 6 10.37 -4.34 -1.61
C ALA C 6 9.99 -3.75 -2.94
N ALA C 7 9.82 -4.58 -3.96
CA ALA C 7 9.41 -4.21 -5.30
C ALA C 7 8.07 -3.52 -5.39
N ALA C 8 7.10 -3.89 -4.57
CA ALA C 8 5.79 -3.26 -4.56
C ALA C 8 5.80 -1.94 -3.80
N ILE C 9 6.40 -1.99 -2.62
CA ILE C 9 6.34 -0.94 -1.62
C ILE C 9 7.23 0.23 -2.02
N LYS C 10 8.36 -0.03 -2.68
CA LYS C 10 9.26 1.01 -3.12
C LYS C 10 8.67 1.88 -4.20
N ALA C 11 7.72 1.38 -4.97
CA ALA C 11 6.80 2.20 -5.72
C ALA C 11 5.93 3.06 -4.80
N ILE C 12 5.08 2.43 -3.98
CA ILE C 12 4.03 3.10 -3.25
C ILE C 12 4.52 4.09 -2.20
N ALA C 13 5.60 3.81 -1.49
CA ALA C 13 6.13 4.80 -0.58
C ALA C 13 6.81 5.99 -1.23
N ALA C 14 7.31 5.82 -2.44
CA ALA C 14 7.88 6.87 -3.27
C ALA C 14 6.84 7.68 -3.99
N ILE C 15 5.74 7.04 -4.36
CA ILE C 15 4.55 7.65 -4.92
C ILE C 15 3.86 8.47 -3.83
N ILE C 16 3.80 7.98 -2.61
CA ILE C 16 3.42 8.72 -1.41
C ILE C 16 4.18 10.01 -1.20
N LYS C 17 5.49 9.94 -1.29
CA LYS C 17 6.37 11.08 -1.22
C LYS C 17 6.17 12.09 -2.33
N ALA C 18 5.66 11.68 -3.48
CA ALA C 18 5.20 12.55 -4.54
C ALA C 18 3.81 13.08 -4.31
N GLY C 19 2.84 12.22 -3.99
CA GLY C 19 1.46 12.56 -3.83
C GLY C 19 1.14 13.46 -2.65
N GLY C 20 1.80 13.25 -1.53
CA GLY C 20 1.64 14.03 -0.32
C GLY C 20 0.46 13.61 0.51
N PHE C 21 0.25 12.30 0.66
CA PHE C 21 -0.93 11.68 1.16
C PHE C 21 -1.21 12.06 2.59
N ALA D 2 -4.55 12.50 -1.22
CA ALA D 2 -5.29 11.34 -1.67
C ALA D 2 -5.83 11.41 -3.08
N LYS D 3 -5.73 12.54 -3.79
CA LYS D 3 -5.86 12.67 -5.21
C LYS D 3 -4.98 11.73 -6.01
N ALA D 4 -3.85 11.34 -5.45
CA ALA D 4 -2.89 10.37 -5.96
C ALA D 4 -3.27 8.92 -5.76
N ALA D 5 -4.35 8.61 -5.06
CA ALA D 5 -4.54 7.32 -4.45
C ALA D 5 -4.88 6.18 -5.40
N ALA D 6 -5.74 6.36 -6.38
CA ALA D 6 -5.94 5.40 -7.44
C ALA D 6 -4.66 5.11 -8.18
N ALA D 7 -3.90 6.13 -8.55
CA ALA D 7 -2.66 5.98 -9.27
C ALA D 7 -1.62 5.24 -8.48
N ALA D 8 -1.50 5.44 -7.17
CA ALA D 8 -0.56 4.70 -6.35
C ALA D 8 -0.91 3.23 -6.25
N ILE D 9 -2.21 2.96 -6.13
CA ILE D 9 -2.70 1.68 -5.71
C ILE D 9 -3.10 0.80 -6.88
N LYS D 10 -3.30 1.38 -8.05
CA LYS D 10 -3.43 0.62 -9.27
C LYS D 10 -2.12 -0.02 -9.68
N ALA D 11 -0.99 0.47 -9.19
CA ALA D 11 0.22 -0.28 -9.02
C ALA D 11 0.06 -1.35 -7.96
N ILE D 12 -0.06 -0.98 -6.69
CA ILE D 12 0.20 -1.85 -5.58
C ILE D 12 -0.80 -3.00 -5.48
N ALA D 13 -2.10 -2.80 -5.73
CA ALA D 13 -3.05 -3.88 -5.75
C ALA D 13 -2.90 -4.88 -6.87
N ALA D 14 -2.34 -4.44 -7.99
CA ALA D 14 -2.00 -5.28 -9.12
C ALA D 14 -0.70 -6.01 -8.91
N ILE D 15 0.24 -5.37 -8.24
CA ILE D 15 1.50 -5.93 -7.79
C ILE D 15 1.22 -6.98 -6.72
N ILE D 16 0.32 -6.77 -5.76
CA ILE D 16 -0.21 -7.75 -4.84
C ILE D 16 -0.71 -9.04 -5.47
N LYS D 17 -1.53 -8.88 -6.51
CA LYS D 17 -2.03 -9.96 -7.32
C LYS D 17 -0.95 -10.78 -7.99
N ALA D 18 0.18 -10.18 -8.31
CA ALA D 18 1.35 -10.86 -8.80
C ALA D 18 2.14 -11.49 -7.66
N GLY D 19 2.46 -10.77 -6.60
CA GLY D 19 3.30 -11.26 -5.54
C GLY D 19 2.72 -12.35 -4.67
N GLY D 20 1.43 -12.29 -4.41
CA GLY D 20 0.70 -13.24 -3.60
C GLY D 20 0.58 -12.87 -2.14
N PHE D 21 0.71 -11.60 -1.77
CA PHE D 21 0.62 -11.11 -0.42
C PHE D 21 -0.71 -11.35 0.27
N ALA A 2 9.97 -7.45 5.03
CA ALA A 2 9.44 -8.74 4.82
C ALA A 2 8.71 -9.32 6.02
N LYS A 3 9.25 -9.14 7.21
CA LYS A 3 8.66 -9.55 8.46
C LYS A 3 7.48 -8.69 8.92
N ALA A 4 7.34 -7.50 8.37
CA ALA A 4 6.29 -6.54 8.67
C ALA A 4 5.17 -6.55 7.65
N ALA A 5 5.32 -7.33 6.58
CA ALA A 5 4.47 -7.29 5.42
C ALA A 5 3.02 -7.68 5.64
N ALA A 6 2.76 -8.81 6.29
CA ALA A 6 1.40 -9.20 6.59
C ALA A 6 0.64 -8.16 7.36
N ALA A 7 1.24 -7.52 8.35
CA ALA A 7 0.67 -6.43 9.09
C ALA A 7 0.38 -5.18 8.31
N ALA A 8 1.08 -4.86 7.22
CA ALA A 8 0.73 -3.79 6.33
C ALA A 8 -0.33 -4.19 5.31
N ILE A 9 -0.05 -5.25 4.57
CA ILE A 9 -0.75 -5.60 3.36
C ILE A 9 -2.14 -6.10 3.70
N LYS A 10 -2.28 -6.90 4.75
CA LYS A 10 -3.53 -7.52 5.11
C LYS A 10 -4.56 -6.55 5.65
N ALA A 11 -4.08 -5.41 6.16
CA ALA A 11 -4.88 -4.21 6.26
C ALA A 11 -5.19 -3.69 4.88
N ILE A 12 -4.20 -3.17 4.15
CA ILE A 12 -4.42 -2.30 3.02
C ILE A 12 -5.15 -2.98 1.87
N ALA A 13 -4.90 -4.26 1.59
CA ALA A 13 -5.64 -4.95 0.56
C ALA A 13 -7.09 -5.23 0.90
N ALA A 14 -7.41 -5.36 2.19
CA ALA A 14 -8.75 -5.59 2.68
C ALA A 14 -9.51 -4.29 2.85
N ILE A 15 -8.82 -3.22 3.21
CA ILE A 15 -9.29 -1.85 3.20
C ILE A 15 -9.55 -1.43 1.76
N ILE A 16 -8.70 -1.74 0.78
CA ILE A 16 -8.95 -1.56 -0.62
C ILE A 16 -10.22 -2.25 -1.10
N LYS A 17 -10.41 -3.50 -0.71
CA LYS A 17 -11.61 -4.27 -0.95
C LYS A 17 -12.86 -3.66 -0.36
N ALA A 18 -12.77 -2.91 0.73
CA ALA A 18 -13.82 -2.12 1.30
C ALA A 18 -14.02 -0.79 0.61
N GLY A 19 -12.97 -0.02 0.37
CA GLY A 19 -13.04 1.30 -0.21
C GLY A 19 -13.48 1.33 -1.65
N GLY A 20 -13.03 0.39 -2.45
CA GLY A 20 -13.34 0.29 -3.85
C GLY A 20 -12.39 1.01 -4.77
N PHE A 21 -11.12 1.10 -4.36
CA PHE A 21 -10.05 1.64 -5.16
C PHE A 21 -9.75 0.88 -6.42
N ALA B 2 -11.41 6.46 -3.51
CA ALA B 2 -10.42 7.20 -2.80
C ALA B 2 -10.93 7.97 -1.58
N LYS B 3 -12.23 8.06 -1.39
CA LYS B 3 -12.84 8.36 -0.13
C LYS B 3 -12.28 7.62 1.06
N ALA B 4 -11.83 6.38 0.84
CA ALA B 4 -11.21 5.46 1.76
C ALA B 4 -9.73 5.66 1.94
N ALA B 5 -9.11 6.62 1.25
CA ALA B 5 -7.67 6.73 1.13
C ALA B 5 -6.93 6.91 2.44
N ALA B 6 -7.19 7.98 3.17
CA ALA B 6 -6.51 8.26 4.40
C ALA B 6 -6.50 7.07 5.33
N ALA B 7 -7.65 6.43 5.50
CA ALA B 7 -7.79 5.23 6.30
C ALA B 7 -6.97 4.06 5.83
N ALA B 8 -6.82 3.83 4.55
CA ALA B 8 -6.01 2.75 4.04
C ALA B 8 -4.52 3.05 4.15
N ILE B 9 -4.15 4.25 3.73
CA ILE B 9 -2.77 4.66 3.61
C ILE B 9 -2.13 4.77 4.98
N LYS B 10 -2.85 5.24 5.98
CA LYS B 10 -2.40 5.27 7.35
C LYS B 10 -2.08 3.89 7.87
N ALA B 11 -2.91 2.91 7.53
CA ALA B 11 -2.72 1.51 7.80
C ALA B 11 -1.58 0.84 7.04
N ILE B 12 -0.89 1.52 6.15
CA ILE B 12 0.38 1.06 5.62
C ILE B 12 1.52 2.00 5.95
N ALA B 13 1.45 3.32 5.72
CA ALA B 13 2.60 4.18 5.84
C ALA B 13 3.19 4.27 7.23
N ALA B 14 2.35 4.07 8.25
CA ALA B 14 2.76 4.05 9.63
C ALA B 14 3.34 2.72 10.07
N ILE B 15 3.02 1.66 9.35
CA ILE B 15 3.53 0.31 9.51
C ILE B 15 4.84 0.20 8.75
N ILE B 16 4.94 0.80 7.56
CA ILE B 16 6.15 0.98 6.80
C ILE B 16 7.25 1.64 7.61
N LYS B 17 6.91 2.74 8.28
CA LYS B 17 7.74 3.45 9.22
C LYS B 17 8.35 2.59 10.31
N ALA B 18 7.69 1.51 10.69
CA ALA B 18 8.23 0.49 11.55
C ALA B 18 8.99 -0.58 10.80
N GLY B 19 8.43 -1.15 9.75
CA GLY B 19 8.96 -2.25 8.99
C GLY B 19 10.26 -1.97 8.28
N GLY B 20 10.47 -0.82 7.64
CA GLY B 20 11.64 -0.56 6.85
C GLY B 20 11.67 -1.37 5.57
N PHE B 21 10.61 -1.28 4.80
CA PHE B 21 10.33 -2.04 3.61
C PHE B 21 11.19 -1.64 2.44
N ALA C 2 5.71 -11.81 0.40
CA ALA C 2 6.58 -10.68 0.60
C ALA C 2 7.87 -10.78 -0.18
N LYS C 3 8.08 -11.84 -0.96
CA LYS C 3 8.98 -11.87 -2.09
C LYS C 3 8.86 -10.67 -3.01
N ALA C 4 7.65 -10.16 -3.19
CA ALA C 4 7.30 -9.01 -3.98
C ALA C 4 7.40 -7.69 -3.25
N ALA C 5 7.70 -7.67 -1.96
CA ALA C 5 7.51 -6.51 -1.13
C ALA C 5 8.42 -5.34 -1.46
N ALA C 6 9.72 -5.52 -1.58
CA ALA C 6 10.64 -4.46 -1.93
C ALA C 6 10.28 -3.82 -3.25
N ALA C 7 9.82 -4.53 -4.22
CA ALA C 7 9.27 -3.99 -5.45
C ALA C 7 7.94 -3.30 -5.31
N ALA C 8 7.00 -3.81 -4.52
CA ALA C 8 5.69 -3.22 -4.41
C ALA C 8 5.70 -1.92 -3.64
N ILE C 9 6.48 -1.97 -2.57
CA ILE C 9 6.50 -0.93 -1.58
C ILE C 9 7.33 0.25 -2.05
N LYS C 10 8.43 -0.01 -2.75
CA LYS C 10 9.28 1.02 -3.32
C LYS C 10 8.63 1.84 -4.42
N ALA C 11 7.62 1.33 -5.10
CA ALA C 11 6.65 2.15 -5.80
C ALA C 11 5.86 3.00 -4.83
N ILE C 12 5.04 2.38 -3.99
CA ILE C 12 3.99 3.04 -3.25
C ILE C 12 4.54 4.04 -2.24
N ALA C 13 5.61 3.77 -1.50
CA ALA C 13 6.17 4.73 -0.59
C ALA C 13 6.80 5.94 -1.27
N ALA C 14 7.23 5.81 -2.51
CA ALA C 14 7.76 6.86 -3.34
C ALA C 14 6.65 7.69 -3.96
N ILE C 15 5.56 7.05 -4.34
CA ILE C 15 4.34 7.67 -4.84
C ILE C 15 3.66 8.41 -3.71
N ILE C 16 3.61 7.88 -2.50
CA ILE C 16 3.22 8.53 -1.27
C ILE C 16 4.00 9.80 -0.97
N LYS C 17 5.32 9.71 -1.01
CA LYS C 17 6.23 10.82 -0.87
C LYS C 17 5.97 11.93 -1.86
N ALA C 18 5.42 11.62 -3.03
CA ALA C 18 4.98 12.56 -4.03
C ALA C 18 3.57 13.02 -3.85
N GLY C 19 2.64 12.15 -3.47
CA GLY C 19 1.25 12.50 -3.29
C GLY C 19 0.94 13.33 -2.05
N GLY C 20 1.40 12.88 -0.90
CA GLY C 20 1.09 13.49 0.38
C GLY C 20 -0.14 12.92 1.04
N PHE C 21 -0.39 11.64 0.98
CA PHE C 21 -1.55 10.92 1.42
C PHE C 21 -1.90 11.08 2.87
N ALA D 2 -4.45 12.68 -2.07
CA ALA D 2 -5.12 11.57 -2.70
C ALA D 2 -5.36 11.75 -4.17
N LYS D 3 -4.88 12.83 -4.77
CA LYS D 3 -4.66 12.96 -6.18
C LYS D 3 -3.93 11.80 -6.79
N ALA D 4 -2.95 11.25 -6.09
CA ALA D 4 -2.15 10.09 -6.38
C ALA D 4 -2.82 8.75 -6.10
N ALA D 5 -4.05 8.73 -5.62
CA ALA D 5 -4.74 7.57 -5.12
C ALA D 5 -5.42 6.72 -6.16
N ALA D 6 -5.26 6.97 -7.45
CA ALA D 6 -5.31 5.95 -8.47
C ALA D 6 -3.94 5.35 -8.66
N ALA D 7 -2.94 6.16 -8.98
CA ALA D 7 -1.63 5.73 -9.37
C ALA D 7 -0.93 4.86 -8.34
N ALA D 8 -1.12 5.12 -7.05
CA ALA D 8 -0.50 4.33 -6.03
C ALA D 8 -1.15 2.98 -5.87
N ILE D 9 -2.48 2.96 -5.91
CA ILE D 9 -3.30 1.77 -5.74
C ILE D 9 -3.15 0.85 -6.94
N LYS D 10 -3.16 1.41 -8.13
CA LYS D 10 -3.12 0.67 -9.37
C LYS D 10 -1.77 0.04 -9.64
N ALA D 11 -0.70 0.56 -9.08
CA ALA D 11 0.51 -0.19 -8.88
C ALA D 11 0.26 -1.32 -7.90
N ILE D 12 0.00 -0.99 -6.63
CA ILE D 12 0.19 -1.92 -5.55
C ILE D 12 -0.83 -3.04 -5.53
N ALA D 13 -2.10 -2.78 -5.85
CA ALA D 13 -3.09 -3.84 -5.91
C ALA D 13 -2.85 -4.83 -7.03
N ALA D 14 -2.29 -4.38 -8.16
CA ALA D 14 -1.94 -5.17 -9.31
C ALA D 14 -0.64 -5.92 -9.14
N ILE D 15 0.25 -5.40 -8.30
CA ILE D 15 1.45 -6.04 -7.85
C ILE D 15 1.13 -7.08 -6.79
N ILE D 16 0.24 -6.80 -5.84
CA ILE D 16 -0.28 -7.77 -4.90
C ILE D 16 -0.92 -9.00 -5.52
N LYS D 17 -1.78 -8.76 -6.51
CA LYS D 17 -2.32 -9.76 -7.40
C LYS D 17 -1.29 -10.68 -8.00
N ALA D 18 -0.06 -10.25 -8.20
CA ALA D 18 1.07 -11.01 -8.64
C ALA D 18 1.87 -11.61 -7.51
N GLY D 19 2.14 -10.86 -6.46
CA GLY D 19 2.98 -11.24 -5.35
C GLY D 19 2.40 -12.32 -4.47
N GLY D 20 1.12 -12.30 -4.16
CA GLY D 20 0.51 -13.24 -3.24
C GLY D 20 0.68 -12.91 -1.78
N PHE D 21 0.68 -11.64 -1.41
CA PHE D 21 0.95 -11.13 -0.09
C PHE D 21 -0.01 -11.57 0.99
N ALA A 2 10.09 -6.44 6.85
CA ALA A 2 8.90 -6.99 6.27
C ALA A 2 8.16 -7.99 7.13
N LYS A 3 8.51 -8.20 8.40
CA LYS A 3 7.73 -8.94 9.37
C LYS A 3 6.38 -8.33 9.61
N ALA A 4 6.22 -7.02 9.40
CA ALA A 4 4.99 -6.29 9.39
C ALA A 4 4.08 -6.61 8.20
N ALA A 5 4.64 -7.14 7.12
CA ALA A 5 4.04 -6.97 5.82
C ALA A 5 2.74 -7.73 5.63
N ALA A 6 2.71 -9.03 5.92
CA ALA A 6 1.53 -9.85 5.76
C ALA A 6 0.38 -9.39 6.60
N ALA A 7 0.54 -8.73 7.70
CA ALA A 7 -0.48 -8.06 8.47
C ALA A 7 -0.87 -6.71 7.92
N ALA A 8 0.07 -5.93 7.40
CA ALA A 8 -0.15 -4.56 6.99
C ALA A 8 -0.84 -4.49 5.64
N ILE A 9 -0.38 -5.35 4.75
CA ILE A 9 -0.87 -5.47 3.39
C ILE A 9 -2.23 -6.15 3.36
N LYS A 10 -2.43 -7.20 4.17
CA LYS A 10 -3.66 -7.94 4.15
C LYS A 10 -4.84 -7.17 4.74
N ALA A 11 -4.53 -6.23 5.63
CA ALA A 11 -5.44 -5.16 5.99
C ALA A 11 -5.68 -4.23 4.82
N ILE A 12 -4.66 -3.57 4.28
CA ILE A 12 -4.80 -2.53 3.29
C ILE A 12 -5.44 -3.04 2.02
N ALA A 13 -5.10 -4.23 1.53
CA ALA A 13 -5.70 -4.83 0.37
C ALA A 13 -7.18 -5.15 0.55
N ALA A 14 -7.61 -5.50 1.75
CA ALA A 14 -9.00 -5.77 2.09
C ALA A 14 -9.78 -4.48 2.25
N ILE A 15 -9.15 -3.43 2.78
CA ILE A 15 -9.66 -2.09 2.92
C ILE A 15 -9.81 -1.47 1.55
N ILE A 16 -8.88 -1.71 0.62
CA ILE A 16 -9.00 -1.44 -0.80
C ILE A 16 -10.21 -2.09 -1.44
N LYS A 17 -10.42 -3.39 -1.23
CA LYS A 17 -11.55 -4.11 -1.77
C LYS A 17 -12.87 -3.52 -1.32
N ALA A 18 -12.93 -2.89 -0.15
CA ALA A 18 -14.07 -2.10 0.27
C ALA A 18 -14.09 -0.71 -0.32
N GLY A 19 -12.97 -0.02 -0.28
CA GLY A 19 -12.88 1.41 -0.45
C GLY A 19 -12.72 1.92 -1.86
N GLY A 20 -12.35 1.13 -2.84
CA GLY A 20 -12.28 1.50 -4.23
C GLY A 20 -11.23 2.54 -4.51
N PHE A 21 -9.96 2.26 -4.26
CA PHE A 21 -8.90 3.24 -4.26
C PHE A 21 -8.41 3.69 -5.60
N ALA B 2 -11.90 6.00 -2.64
CA ALA B 2 -10.77 6.53 -1.94
C ALA B 2 -11.08 7.37 -0.71
N LYS B 3 -12.31 7.36 -0.20
CA LYS B 3 -12.69 7.94 1.07
C LYS B 3 -12.08 7.20 2.23
N ALA B 4 -11.77 5.92 2.03
CA ALA B 4 -11.00 5.07 2.91
C ALA B 4 -9.51 5.36 2.92
N ALA B 5 -8.98 6.13 1.97
CA ALA B 5 -7.57 6.18 1.68
C ALA B 5 -6.70 6.87 2.73
N ALA B 6 -7.06 8.03 3.26
CA ALA B 6 -6.26 8.62 4.30
C ALA B 6 -6.12 7.71 5.51
N ALA B 7 -7.22 7.18 6.03
CA ALA B 7 -7.23 6.27 7.15
C ALA B 7 -6.54 4.95 6.91
N ALA B 8 -6.40 4.47 5.68
CA ALA B 8 -5.74 3.24 5.34
C ALA B 8 -4.25 3.43 5.12
N ILE B 9 -3.89 4.44 4.33
CA ILE B 9 -2.53 4.70 3.90
C ILE B 9 -1.71 5.31 5.03
N LYS B 10 -2.32 6.15 5.85
CA LYS B 10 -1.62 6.77 6.95
C LYS B 10 -1.22 5.79 8.03
N ALA B 11 -1.95 4.69 8.21
CA ALA B 11 -1.49 3.54 8.94
C ALA B 11 -0.36 2.86 8.17
N ILE B 12 -0.56 2.45 6.93
CA ILE B 12 0.38 1.58 6.25
C ILE B 12 1.71 2.27 6.03
N ALA B 13 1.75 3.55 5.69
CA ALA B 13 3.00 4.28 5.56
C ALA B 13 3.73 4.48 6.87
N ALA B 14 3.04 4.56 8.00
CA ALA B 14 3.64 4.59 9.31
C ALA B 14 4.14 3.22 9.73
N ILE B 15 3.42 2.16 9.39
CA ILE B 15 3.78 0.77 9.57
C ILE B 15 5.00 0.45 8.74
N ILE B 16 5.09 0.83 7.47
CA ILE B 16 6.26 0.80 6.62
C ILE B 16 7.47 1.49 7.23
N LYS B 17 7.32 2.73 7.71
CA LYS B 17 8.36 3.49 8.35
C LYS B 17 8.96 2.81 9.57
N ALA B 18 8.22 1.94 10.23
CA ALA B 18 8.68 1.04 11.25
C ALA B 18 9.18 -0.27 10.72
N GLY B 19 8.53 -0.90 9.77
CA GLY B 19 8.67 -2.28 9.37
C GLY B 19 9.59 -2.56 8.22
N GLY B 20 10.10 -1.57 7.49
CA GLY B 20 11.18 -1.71 6.55
C GLY B 20 10.87 -2.63 5.39
N PHE B 21 9.83 -2.35 4.64
CA PHE B 21 9.22 -3.25 3.68
C PHE B 21 10.10 -3.52 2.48
N ALA C 2 6.48 -12.52 -3.51
CA ALA C 2 6.76 -11.59 -2.46
C ALA C 2 8.08 -10.85 -2.62
N LYS C 3 8.80 -11.06 -3.71
CA LYS C 3 9.85 -10.22 -4.19
C LYS C 3 9.40 -8.81 -4.47
N ALA C 4 8.17 -8.63 -4.93
CA ALA C 4 7.48 -7.38 -5.09
C ALA C 4 7.22 -6.66 -3.78
N ALA C 5 7.25 -7.36 -2.65
CA ALA C 5 6.94 -6.78 -1.36
C ALA C 5 8.06 -5.99 -0.72
N ALA C 6 9.18 -5.86 -1.41
CA ALA C 6 10.06 -4.72 -1.34
C ALA C 6 9.83 -3.77 -2.51
N ALA C 7 9.99 -4.21 -3.75
CA ALA C 7 10.03 -3.38 -4.93
C ALA C 7 8.80 -2.53 -5.18
N ALA C 8 7.61 -3.04 -4.89
CA ALA C 8 6.34 -2.37 -5.07
C ALA C 8 6.12 -1.38 -3.97
N ILE C 9 6.47 -1.75 -2.75
CA ILE C 9 6.39 -0.87 -1.60
C ILE C 9 7.32 0.31 -1.78
N LYS C 10 8.56 0.09 -2.22
CA LYS C 10 9.59 1.10 -2.34
C LYS C 10 9.31 2.14 -3.41
N ALA C 11 8.56 1.82 -4.46
CA ALA C 11 7.92 2.78 -5.33
C ALA C 11 6.76 3.47 -4.62
N ILE C 12 5.79 2.73 -4.13
CA ILE C 12 4.54 3.26 -3.63
C ILE C 12 4.71 4.12 -2.40
N ALA C 13 5.63 3.84 -1.48
CA ALA C 13 5.94 4.70 -0.37
C ALA C 13 6.59 6.02 -0.75
N ALA C 14 7.34 6.09 -1.84
CA ALA C 14 7.93 7.29 -2.40
C ALA C 14 6.92 8.11 -3.17
N ILE C 15 5.99 7.44 -3.83
CA ILE C 15 4.84 8.01 -4.50
C ILE C 15 3.91 8.60 -3.45
N ILE C 16 3.61 7.93 -2.34
CA ILE C 16 2.98 8.47 -1.15
C ILE C 16 3.62 9.73 -0.59
N LYS C 17 4.94 9.73 -0.44
CA LYS C 17 5.71 10.84 0.06
C LYS C 17 5.53 12.10 -0.77
N ALA C 18 5.33 11.97 -2.07
CA ALA C 18 4.93 13.01 -2.98
C ALA C 18 3.44 13.26 -2.98
N GLY C 19 2.62 12.24 -2.95
CA GLY C 19 1.22 12.27 -3.30
C GLY C 19 0.24 12.48 -2.16
N GLY C 20 0.64 12.45 -0.89
CA GLY C 20 -0.15 12.95 0.19
C GLY C 20 -1.45 12.21 0.41
N PHE C 21 -1.37 10.89 0.50
CA PHE C 21 -2.48 9.96 0.47
C PHE C 21 -3.36 10.03 1.69
N ALA D 2 -3.88 12.59 -2.69
CA ALA D 2 -4.42 11.33 -3.17
C ALA D 2 -4.80 11.29 -4.63
N LYS D 3 -4.44 12.27 -5.44
CA LYS D 3 -4.55 12.30 -6.88
C LYS D 3 -3.64 11.29 -7.53
N ALA D 4 -2.56 10.94 -6.84
CA ALA D 4 -1.64 9.88 -7.17
C ALA D 4 -2.20 8.50 -6.98
N ALA D 5 -3.29 8.36 -6.23
CA ALA D 5 -3.66 7.12 -5.58
C ALA D 5 -4.23 6.07 -6.50
N ALA D 6 -5.14 6.41 -7.41
CA ALA D 6 -5.65 5.45 -8.35
C ALA D 6 -4.54 4.74 -9.12
N ALA D 7 -3.62 5.47 -9.72
CA ALA D 7 -2.47 4.94 -10.42
C ALA D 7 -1.50 4.19 -9.53
N ALA D 8 -1.38 4.53 -8.26
CA ALA D 8 -0.50 3.88 -7.32
C ALA D 8 -1.06 2.55 -6.84
N ILE D 9 -2.31 2.57 -6.44
CA ILE D 9 -2.99 1.49 -5.73
C ILE D 9 -3.44 0.41 -6.70
N LYS D 10 -3.83 0.81 -7.91
CA LYS D 10 -4.25 -0.11 -8.95
C LYS D 10 -3.09 -0.88 -9.55
N ALA D 11 -1.87 -0.35 -9.45
CA ALA D 11 -0.68 -1.15 -9.60
C ALA D 11 -0.53 -2.10 -8.42
N ILE D 12 -0.43 -1.56 -7.20
CA ILE D 12 0.03 -2.31 -6.06
C ILE D 12 -0.94 -3.43 -5.70
N ALA D 13 -2.26 -3.24 -5.79
CA ALA D 13 -3.21 -4.30 -5.54
C ALA D 13 -3.20 -5.39 -6.58
N ALA D 14 -2.80 -5.10 -7.82
CA ALA D 14 -2.62 -6.06 -8.88
C ALA D 14 -1.29 -6.79 -8.74
N ILE D 15 -0.29 -6.10 -8.21
CA ILE D 15 1.02 -6.65 -7.90
C ILE D 15 0.90 -7.57 -6.71
N ILE D 16 0.14 -7.21 -5.67
CA ILE D 16 -0.26 -8.05 -4.58
C ILE D 16 -0.97 -9.32 -5.01
N LYS D 17 -1.89 -9.24 -5.96
CA LYS D 17 -2.55 -10.40 -6.52
C LYS D 17 -1.60 -11.40 -7.16
N ALA D 18 -0.48 -10.96 -7.72
CA ALA D 18 0.63 -11.79 -8.14
C ALA D 18 1.52 -12.21 -7.00
N GLY D 19 1.87 -11.32 -6.09
CA GLY D 19 2.92 -11.48 -5.12
C GLY D 19 2.57 -12.25 -3.86
N GLY D 20 1.39 -12.09 -3.30
CA GLY D 20 0.98 -12.69 -2.05
C GLY D 20 1.73 -12.08 -0.89
N PHE D 21 1.59 -10.79 -0.65
CA PHE D 21 2.35 -10.00 0.27
C PHE D 21 2.14 -10.35 1.72
N ALA A 2 10.47 -6.27 5.41
CA ALA A 2 9.26 -6.96 5.03
C ALA A 2 8.84 -8.00 6.05
N LYS A 3 9.50 -8.11 7.21
CA LYS A 3 9.02 -8.79 8.38
C LYS A 3 7.68 -8.26 8.87
N ALA A 4 7.41 -6.99 8.59
CA ALA A 4 6.17 -6.31 8.86
C ALA A 4 5.10 -6.46 7.80
N ALA A 5 5.40 -7.13 6.68
CA ALA A 5 4.59 -7.05 5.50
C ALA A 5 3.17 -7.56 5.69
N ALA A 6 2.97 -8.70 6.35
CA ALA A 6 1.65 -9.22 6.58
C ALA A 6 0.73 -8.20 7.21
N ALA A 7 1.22 -7.54 8.26
CA ALA A 7 0.58 -6.44 8.96
C ALA A 7 0.24 -5.25 8.09
N ALA A 8 1.00 -4.94 7.04
CA ALA A 8 0.65 -3.92 6.08
C ALA A 8 -0.42 -4.45 5.16
N ILE A 9 -0.11 -5.54 4.48
CA ILE A 9 -0.85 -5.98 3.32
C ILE A 9 -2.26 -6.42 3.69
N LYS A 10 -2.41 -7.10 4.83
CA LYS A 10 -3.65 -7.73 5.22
C LYS A 10 -4.69 -6.72 5.68
N ALA A 11 -4.26 -5.54 6.13
CA ALA A 11 -5.07 -4.36 6.23
C ALA A 11 -5.41 -3.81 4.86
N ILE A 12 -4.38 -3.42 4.12
CA ILE A 12 -4.52 -2.64 2.90
C ILE A 12 -5.35 -3.38 1.88
N ALA A 13 -5.07 -4.64 1.54
CA ALA A 13 -5.80 -5.40 0.56
C ALA A 13 -7.15 -5.92 1.04
N ALA A 14 -7.67 -5.35 2.12
CA ALA A 14 -9.06 -5.38 2.54
C ALA A 14 -9.68 -4.01 2.53
N ILE A 15 -8.93 -2.97 2.90
CA ILE A 15 -9.29 -1.58 2.82
C ILE A 15 -9.45 -1.13 1.38
N ILE A 16 -8.63 -1.62 0.45
CA ILE A 16 -8.73 -1.53 -0.99
C ILE A 16 -10.13 -1.84 -1.47
N LYS A 17 -10.58 -3.04 -1.12
CA LYS A 17 -11.77 -3.72 -1.56
C LYS A 17 -13.03 -3.07 -1.04
N ALA A 18 -12.97 -2.66 0.22
CA ALA A 18 -13.94 -1.86 0.93
C ALA A 18 -14.03 -0.45 0.37
N GLY A 19 -12.91 0.12 -0.02
CA GLY A 19 -12.83 1.45 -0.59
C GLY A 19 -13.27 1.53 -2.04
N GLY A 20 -13.05 0.51 -2.83
CA GLY A 20 -13.38 0.44 -4.24
C GLY A 20 -12.28 0.92 -5.14
N PHE A 21 -11.08 1.13 -4.64
CA PHE A 21 -9.99 1.78 -5.29
C PHE A 21 -8.97 0.86 -5.87
N ALA B 2 -11.16 6.77 -3.25
CA ALA B 2 -12.09 7.06 -2.20
C ALA B 2 -11.47 7.43 -0.88
N LYS B 3 -12.21 8.10 -0.02
CA LYS B 3 -11.82 8.49 1.31
C LYS B 3 -11.37 7.38 2.23
N ALA B 4 -11.55 6.13 1.85
CA ALA B 4 -10.80 4.97 2.27
C ALA B 4 -9.28 5.16 2.28
N ALA B 5 -8.75 6.13 1.56
CA ALA B 5 -7.36 6.51 1.53
C ALA B 5 -6.81 6.79 2.93
N ALA B 6 -7.48 7.58 3.74
CA ALA B 6 -7.06 7.87 5.09
C ALA B 6 -7.07 6.68 6.02
N ALA B 7 -7.57 5.53 5.61
CA ALA B 7 -7.33 4.24 6.22
C ALA B 7 -6.20 3.49 5.56
N ALA B 8 -6.11 3.39 4.25
CA ALA B 8 -5.23 2.51 3.52
C ALA B 8 -3.79 3.01 3.62
N ILE B 9 -3.61 4.30 3.40
CA ILE B 9 -2.33 4.97 3.44
C ILE B 9 -1.75 4.87 4.83
N LYS B 10 -2.55 5.10 5.87
CA LYS B 10 -2.17 4.97 7.25
C LYS B 10 -1.76 3.54 7.58
N ALA B 11 -2.55 2.55 7.15
CA ALA B 11 -2.30 1.15 7.33
C ALA B 11 -1.08 0.59 6.62
N ILE B 12 -0.43 1.38 5.77
CA ILE B 12 0.81 1.09 5.09
C ILE B 12 1.93 2.03 5.49
N ALA B 13 1.80 3.35 5.38
CA ALA B 13 2.92 4.26 5.55
C ALA B 13 3.38 4.34 6.99
N ALA B 14 2.44 4.17 7.92
CA ALA B 14 2.75 4.14 9.33
C ALA B 14 3.32 2.79 9.74
N ILE B 15 2.92 1.73 9.06
CA ILE B 15 3.44 0.39 9.25
C ILE B 15 4.83 0.31 8.65
N ILE B 16 5.12 0.97 7.54
CA ILE B 16 6.43 1.11 6.94
C ILE B 16 7.44 1.85 7.79
N LYS B 17 6.98 2.92 8.44
CA LYS B 17 7.73 3.66 9.44
C LYS B 17 8.18 2.78 10.59
N ALA B 18 7.43 1.75 10.94
CA ALA B 18 7.81 0.75 11.90
C ALA B 18 8.62 -0.37 11.31
N GLY B 19 8.23 -0.91 10.16
CA GLY B 19 8.85 -2.07 9.56
C GLY B 19 10.24 -1.83 9.01
N GLY B 20 10.45 -0.72 8.35
CA GLY B 20 11.66 -0.40 7.64
C GLY B 20 11.86 -1.16 6.34
N PHE B 21 10.79 -1.30 5.58
CA PHE B 21 10.65 -2.17 4.44
C PHE B 21 11.69 -2.03 3.35
N ALA C 2 4.95 -11.94 0.19
CA ALA C 2 5.86 -10.89 0.54
C ALA C 2 7.26 -11.06 0.00
N LYS C 3 7.56 -12.15 -0.70
CA LYS C 3 8.66 -12.25 -1.64
C LYS C 3 8.72 -11.08 -2.59
N ALA C 4 7.57 -10.61 -3.04
CA ALA C 4 7.35 -9.50 -3.93
C ALA C 4 7.36 -8.14 -3.28
N ALA C 5 7.66 -8.05 -1.98
CA ALA C 5 7.38 -6.86 -1.24
C ALA C 5 8.15 -5.64 -1.70
N ALA C 6 9.46 -5.75 -1.90
CA ALA C 6 10.28 -4.64 -2.32
C ALA C 6 9.74 -3.94 -3.55
N ALA C 7 9.20 -4.66 -4.51
CA ALA C 7 8.53 -4.12 -5.67
C ALA C 7 7.27 -3.37 -5.35
N ALA C 8 6.46 -3.81 -4.40
CA ALA C 8 5.24 -3.13 -4.00
C ALA C 8 5.54 -1.89 -3.17
N ILE C 9 6.38 -2.05 -2.17
CA ILE C 9 6.70 -0.98 -1.24
C ILE C 9 7.38 0.18 -1.95
N LYS C 10 8.34 -0.11 -2.83
CA LYS C 10 9.16 0.90 -3.48
C LYS C 10 8.42 1.67 -4.57
N ALA C 11 7.35 1.13 -5.12
CA ALA C 11 6.31 1.91 -5.74
C ALA C 11 5.58 2.76 -4.72
N ILE C 12 4.84 2.14 -3.80
CA ILE C 12 3.88 2.81 -2.96
C ILE C 12 4.51 3.87 -2.08
N ALA C 13 5.57 3.59 -1.30
CA ALA C 13 6.24 4.52 -0.43
C ALA C 13 7.20 5.45 -1.14
N ALA C 14 7.02 5.61 -2.44
CA ALA C 14 7.52 6.70 -3.25
C ALA C 14 6.37 7.51 -3.81
N ILE C 15 5.34 6.84 -4.32
CA ILE C 15 4.09 7.40 -4.75
C ILE C 15 3.42 8.15 -3.61
N ILE C 16 3.49 7.67 -2.38
CA ILE C 16 3.10 8.37 -1.17
C ILE C 16 3.63 9.78 -1.13
N LYS C 17 4.95 9.87 -1.14
CA LYS C 17 5.78 11.02 -0.91
C LYS C 17 5.63 12.08 -1.97
N ALA C 18 5.47 11.61 -3.20
CA ALA C 18 5.09 12.38 -4.36
C ALA C 18 3.67 12.87 -4.26
N GLY C 19 2.74 12.01 -3.86
CA GLY C 19 1.34 12.28 -3.79
C GLY C 19 0.93 13.31 -2.75
N GLY C 20 1.46 13.22 -1.55
CA GLY C 20 1.21 14.10 -0.43
C GLY C 20 0.38 13.54 0.68
N PHE C 21 0.06 12.26 0.68
CA PHE C 21 -0.84 11.64 1.61
C PHE C 21 -0.37 11.67 3.03
N ALA D 2 -5.05 13.16 -3.08
CA ALA D 2 -6.38 13.03 -3.58
C ALA D 2 -6.43 12.30 -4.89
N LYS D 3 -5.53 12.62 -5.77
CA LYS D 3 -5.39 12.08 -7.08
C LYS D 3 -4.43 10.92 -7.15
N ALA D 4 -3.41 10.93 -6.31
CA ALA D 4 -2.44 9.88 -6.15
C ALA D 4 -3.05 8.59 -5.64
N ALA D 5 -4.24 8.68 -5.05
CA ALA D 5 -5.05 7.58 -4.61
C ALA D 5 -5.72 6.79 -5.72
N ALA D 6 -5.38 7.05 -6.97
CA ALA D 6 -5.41 6.06 -8.02
C ALA D 6 -4.04 5.45 -8.20
N ALA D 7 -3.02 6.26 -8.47
CA ALA D 7 -1.68 5.86 -8.81
C ALA D 7 -0.99 4.94 -7.82
N ALA D 8 -1.17 5.12 -6.51
CA ALA D 8 -0.60 4.29 -5.49
C ALA D 8 -1.24 2.91 -5.50
N ILE D 9 -2.56 2.90 -5.67
CA ILE D 9 -3.40 1.73 -5.61
C ILE D 9 -3.17 0.85 -6.83
N LYS D 10 -3.09 1.48 -8.01
CA LYS D 10 -3.08 0.78 -9.27
C LYS D 10 -1.70 0.25 -9.62
N ALA D 11 -0.66 0.73 -8.96
CA ALA D 11 0.53 -0.03 -8.67
C ALA D 11 0.23 -1.19 -7.73
N ILE D 12 0.00 -0.89 -6.46
CA ILE D 12 0.18 -1.82 -5.36
C ILE D 12 -0.81 -2.96 -5.37
N ALA D 13 -2.07 -2.77 -5.73
CA ALA D 13 -3.03 -3.85 -5.82
C ALA D 13 -2.76 -4.80 -6.99
N ALA D 14 -2.15 -4.31 -8.07
CA ALA D 14 -1.76 -5.10 -9.21
C ALA D 14 -0.48 -5.86 -8.95
N ILE D 15 0.43 -5.26 -8.20
CA ILE D 15 1.68 -5.82 -7.71
C ILE D 15 1.37 -6.90 -6.69
N ILE D 16 0.42 -6.71 -5.80
CA ILE D 16 -0.20 -7.70 -4.95
C ILE D 16 -0.72 -8.92 -5.68
N LYS D 17 -1.53 -8.70 -6.71
CA LYS D 17 -2.05 -9.72 -7.59
C LYS D 17 -0.99 -10.50 -8.31
N ALA D 18 0.20 -9.94 -8.52
CA ALA D 18 1.35 -10.62 -9.04
C ALA D 18 2.13 -11.35 -7.98
N GLY D 19 2.32 -10.74 -6.83
CA GLY D 19 3.12 -11.26 -5.74
C GLY D 19 2.47 -12.40 -5.00
N GLY D 20 1.20 -12.30 -4.68
CA GLY D 20 0.48 -13.27 -3.92
C GLY D 20 0.40 -12.97 -2.44
N PHE D 21 0.53 -11.73 -2.01
CA PHE D 21 0.38 -11.30 -0.66
C PHE D 21 -1.02 -11.52 -0.12
N ALA A 2 10.57 -6.29 5.99
CA ALA A 2 9.48 -6.95 5.37
C ALA A 2 8.83 -8.00 6.23
N LYS A 3 9.32 -8.22 7.43
CA LYS A 3 8.63 -8.92 8.47
C LYS A 3 7.22 -8.44 8.69
N ALA A 4 6.97 -7.15 8.48
CA ALA A 4 5.70 -6.49 8.55
C ALA A 4 4.79 -6.67 7.35
N ALA A 5 5.23 -7.35 6.31
CA ALA A 5 4.61 -7.41 4.99
C ALA A 5 3.59 -8.52 4.83
N ALA A 6 3.05 -9.07 5.92
CA ALA A 6 1.71 -9.56 5.95
C ALA A 6 0.80 -8.53 6.58
N ALA A 7 1.16 -8.04 7.76
CA ALA A 7 0.35 -7.16 8.59
C ALA A 7 -0.07 -5.87 7.91
N ALA A 8 0.79 -5.30 7.07
CA ALA A 8 0.51 -4.13 6.27
C ALA A 8 -0.50 -4.43 5.19
N ILE A 9 -0.28 -5.54 4.51
CA ILE A 9 -0.98 -5.91 3.30
C ILE A 9 -2.39 -6.35 3.65
N LYS A 10 -2.55 -7.06 4.75
CA LYS A 10 -3.78 -7.63 5.23
C LYS A 10 -4.73 -6.57 5.77
N ALA A 11 -4.22 -5.41 6.16
CA ALA A 11 -4.99 -4.19 6.23
C ALA A 11 -5.31 -3.66 4.85
N ILE A 12 -4.32 -3.29 4.07
CA ILE A 12 -4.55 -2.46 2.90
C ILE A 12 -5.37 -3.15 1.83
N ALA A 13 -5.14 -4.44 1.55
CA ALA A 13 -5.94 -5.14 0.58
C ALA A 13 -7.40 -5.29 1.01
N ALA A 14 -7.65 -5.38 2.31
CA ALA A 14 -8.96 -5.44 2.89
C ALA A 14 -9.66 -4.09 2.94
N ILE A 15 -8.90 -3.02 3.17
CA ILE A 15 -9.34 -1.65 3.11
C ILE A 15 -9.66 -1.29 1.67
N ILE A 16 -8.88 -1.74 0.69
CA ILE A 16 -9.13 -1.67 -0.73
C ILE A 16 -10.42 -2.38 -1.13
N LYS A 17 -10.67 -3.57 -0.62
CA LYS A 17 -11.87 -4.35 -0.80
C LYS A 17 -13.13 -3.66 -0.30
N ALA A 18 -13.00 -2.74 0.64
CA ALA A 18 -14.05 -1.83 1.07
C ALA A 18 -14.11 -0.61 0.19
N GLY A 19 -13.00 0.06 -0.07
CA GLY A 19 -12.96 1.30 -0.81
C GLY A 19 -13.34 1.21 -2.26
N GLY A 20 -12.89 0.19 -2.99
CA GLY A 20 -13.05 0.08 -4.42
C GLY A 20 -12.16 1.01 -5.19
N PHE A 21 -10.93 1.18 -4.74
CA PHE A 21 -9.95 2.10 -5.27
C PHE A 21 -9.67 1.95 -6.74
N ALA B 2 -11.28 6.81 -3.31
CA ALA B 2 -10.36 7.55 -2.48
C ALA B 2 -11.03 8.14 -1.26
N LYS B 3 -12.33 8.00 -1.12
CA LYS B 3 -13.04 8.15 0.14
C LYS B 3 -12.49 7.31 1.25
N ALA B 4 -11.97 6.15 0.93
CA ALA B 4 -11.34 5.18 1.79
C ALA B 4 -9.86 5.43 2.02
N ALA B 5 -9.27 6.40 1.35
CA ALA B 5 -7.84 6.48 1.18
C ALA B 5 -7.08 6.60 2.49
N ALA B 6 -7.37 7.57 3.36
CA ALA B 6 -6.64 7.77 4.60
C ALA B 6 -6.50 6.51 5.42
N ALA B 7 -7.49 5.64 5.43
CA ALA B 7 -7.40 4.36 6.11
C ALA B 7 -6.32 3.48 5.53
N ALA B 8 -6.24 3.39 4.20
CA ALA B 8 -5.29 2.56 3.50
C ALA B 8 -3.88 3.11 3.58
N ILE B 9 -3.72 4.42 3.45
CA ILE B 9 -2.44 5.07 3.58
C ILE B 9 -1.88 4.90 4.98
N LYS B 10 -2.68 5.20 6.01
CA LYS B 10 -2.30 5.14 7.40
C LYS B 10 -1.90 3.73 7.78
N ALA B 11 -2.62 2.73 7.30
CA ALA B 11 -2.34 1.34 7.54
C ALA B 11 -1.14 0.77 6.80
N ILE B 12 -0.49 1.56 5.94
CA ILE B 12 0.69 1.19 5.20
C ILE B 12 1.87 2.12 5.46
N ALA B 13 1.76 3.44 5.34
CA ALA B 13 2.92 4.30 5.45
C ALA B 13 3.44 4.39 6.88
N ALA B 14 2.55 4.32 7.87
CA ALA B 14 2.94 4.37 9.26
C ALA B 14 3.46 3.02 9.72
N ILE B 15 3.03 1.94 9.08
CA ILE B 15 3.48 0.58 9.31
C ILE B 15 4.84 0.40 8.66
N ILE B 16 5.07 0.95 7.47
CA ILE B 16 6.37 1.07 6.85
C ILE B 16 7.40 1.80 7.71
N LYS B 17 7.03 2.92 8.31
CA LYS B 17 7.86 3.69 9.20
C LYS B 17 8.29 2.89 10.42
N ALA B 18 7.53 1.89 10.84
CA ALA B 18 7.93 0.90 11.80
C ALA B 18 8.75 -0.22 11.21
N GLY B 19 8.34 -0.79 10.09
CA GLY B 19 8.89 -1.97 9.48
C GLY B 19 10.27 -1.75 8.92
N GLY B 20 10.46 -0.77 8.05
CA GLY B 20 11.65 -0.58 7.27
C GLY B 20 11.72 -1.52 6.08
N PHE B 21 10.65 -1.58 5.31
CA PHE B 21 10.35 -2.53 4.28
C PHE B 21 11.42 -2.60 3.21
N ALA C 2 5.69 -11.98 0.45
CA ALA C 2 6.51 -10.84 0.77
C ALA C 2 7.83 -10.76 0.04
N LYS C 3 8.24 -11.78 -0.70
CA LYS C 3 9.26 -11.72 -1.70
C LYS C 3 9.02 -10.68 -2.77
N ALA C 4 7.76 -10.36 -3.04
CA ALA C 4 7.31 -9.30 -3.91
C ALA C 4 7.33 -7.91 -3.28
N ALA C 5 7.65 -7.80 -2.00
CA ALA C 5 7.46 -6.56 -1.28
C ALA C 5 8.38 -5.45 -1.77
N ALA C 6 9.63 -5.73 -2.11
CA ALA C 6 10.52 -4.71 -2.60
C ALA C 6 10.07 -4.05 -3.89
N ALA C 7 9.20 -4.65 -4.65
CA ALA C 7 8.48 -4.10 -5.75
C ALA C 7 7.29 -3.26 -5.36
N ALA C 8 6.44 -3.69 -4.44
CA ALA C 8 5.19 -3.06 -4.15
C ALA C 8 5.38 -1.83 -3.30
N ILE C 9 6.22 -1.98 -2.28
CA ILE C 9 6.49 -0.97 -1.29
C ILE C 9 7.27 0.17 -1.92
N LYS C 10 8.28 -0.16 -2.71
CA LYS C 10 9.13 0.84 -3.34
C LYS C 10 8.42 1.59 -4.43
N ALA C 11 7.34 1.06 -4.97
CA ALA C 11 6.34 1.88 -5.62
C ALA C 11 5.65 2.78 -4.62
N ILE C 12 4.85 2.21 -3.73
CA ILE C 12 3.84 2.92 -2.99
C ILE C 12 4.42 3.97 -2.04
N ALA C 13 5.51 3.67 -1.33
CA ALA C 13 6.13 4.64 -0.47
C ALA C 13 6.78 5.81 -1.17
N ALA C 14 7.22 5.63 -2.41
CA ALA C 14 7.77 6.69 -3.22
C ALA C 14 6.68 7.49 -3.93
N ILE C 15 5.61 6.82 -4.32
CA ILE C 15 4.39 7.41 -4.85
C ILE C 15 3.73 8.24 -3.76
N ILE C 16 3.67 7.81 -2.51
CA ILE C 16 3.29 8.59 -1.36
C ILE C 16 4.06 9.88 -1.18
N LYS C 17 5.38 9.84 -1.30
CA LYS C 17 6.22 11.01 -1.22
C LYS C 17 5.94 12.00 -2.33
N ALA C 18 5.52 11.55 -3.51
CA ALA C 18 5.08 12.39 -4.60
C ALA C 18 3.68 12.91 -4.42
N GLY C 19 2.74 12.11 -3.97
CA GLY C 19 1.39 12.51 -3.64
C GLY C 19 1.26 13.50 -2.51
N GLY C 20 1.84 13.22 -1.38
CA GLY C 20 1.72 13.95 -0.16
C GLY C 20 0.61 13.48 0.74
N PHE C 21 0.27 12.20 0.74
CA PHE C 21 -0.87 11.63 1.40
C PHE C 21 -0.86 11.84 2.87
N ALA D 2 -4.48 12.68 -1.72
CA ALA D 2 -5.35 11.68 -2.28
C ALA D 2 -5.70 11.86 -3.73
N LYS D 3 -5.23 12.91 -4.38
CA LYS D 3 -5.11 13.03 -5.82
C LYS D 3 -4.36 11.88 -6.46
N ALA D 4 -3.39 11.33 -5.76
CA ALA D 4 -2.57 10.19 -6.07
C ALA D 4 -3.22 8.85 -5.78
N ALA D 5 -4.41 8.80 -5.19
CA ALA D 5 -5.04 7.61 -4.67
C ALA D 5 -5.78 6.75 -5.68
N ALA D 6 -5.56 6.95 -6.97
CA ALA D 6 -5.63 5.91 -7.97
C ALA D 6 -4.25 5.38 -8.25
N ALA D 7 -3.28 6.23 -8.60
CA ALA D 7 -1.94 5.86 -8.98
C ALA D 7 -1.22 4.95 -8.00
N ALA D 8 -1.28 5.19 -6.71
CA ALA D 8 -0.59 4.39 -5.72
C ALA D 8 -1.17 2.99 -5.62
N ILE D 9 -2.48 2.94 -5.77
CA ILE D 9 -3.27 1.73 -5.65
C ILE D 9 -3.12 0.85 -6.88
N LYS D 10 -3.13 1.46 -8.06
CA LYS D 10 -3.07 0.75 -9.32
C LYS D 10 -1.69 0.16 -9.58
N ALA D 11 -0.64 0.71 -8.99
CA ALA D 11 0.53 -0.08 -8.69
C ALA D 11 0.19 -1.22 -7.76
N ILE D 12 -0.03 -0.94 -6.48
CA ILE D 12 0.20 -1.87 -5.40
C ILE D 12 -0.80 -3.02 -5.43
N ALA D 13 -2.07 -2.79 -5.74
CA ALA D 13 -3.02 -3.88 -5.79
C ALA D 13 -2.79 -4.84 -6.95
N ALA D 14 -2.21 -4.37 -8.05
CA ALA D 14 -1.84 -5.18 -9.19
C ALA D 14 -0.55 -5.95 -8.94
N ILE D 15 0.38 -5.35 -8.22
CA ILE D 15 1.58 -5.99 -7.75
C ILE D 15 1.29 -7.03 -6.69
N ILE D 16 0.38 -6.77 -5.75
CA ILE D 16 -0.16 -7.73 -4.81
C ILE D 16 -0.79 -8.95 -5.48
N LYS D 17 -1.62 -8.71 -6.49
CA LYS D 17 -2.22 -9.74 -7.32
C LYS D 17 -1.17 -10.60 -7.99
N ALA D 18 0.02 -10.10 -8.28
CA ALA D 18 1.15 -10.84 -8.78
C ALA D 18 1.97 -11.49 -7.68
N GLY D 19 2.23 -10.83 -6.57
CA GLY D 19 3.03 -11.28 -5.46
C GLY D 19 2.41 -12.34 -4.58
N GLY D 20 1.11 -12.30 -4.28
CA GLY D 20 0.45 -13.22 -3.40
C GLY D 20 0.68 -12.99 -1.92
N PHE D 21 0.78 -11.75 -1.51
CA PHE D 21 1.02 -11.26 -0.17
C PHE D 21 0.10 -11.79 0.89
N ALA A 2 9.18 -7.53 2.94
CA ALA A 2 9.54 -8.62 3.82
C ALA A 2 8.62 -8.84 4.99
N LYS A 3 9.15 -8.92 6.20
CA LYS A 3 8.50 -9.49 7.36
C LYS A 3 7.24 -8.78 7.82
N ALA A 4 7.21 -7.46 7.71
CA ALA A 4 6.10 -6.61 8.04
C ALA A 4 4.98 -6.59 7.01
N ALA A 5 5.12 -7.28 5.88
CA ALA A 5 4.23 -7.14 4.75
C ALA A 5 2.80 -7.56 5.05
N ALA A 6 2.52 -8.76 5.55
CA ALA A 6 1.16 -9.16 5.84
C ALA A 6 0.45 -8.20 6.78
N ALA A 7 1.08 -7.81 7.88
CA ALA A 7 0.59 -6.86 8.85
C ALA A 7 0.21 -5.52 8.23
N ALA A 8 0.97 -5.02 7.28
CA ALA A 8 0.70 -3.74 6.65
C ALA A 8 -0.38 -3.85 5.59
N ILE A 9 -0.19 -4.85 4.72
CA ILE A 9 -0.88 -4.99 3.47
C ILE A 9 -2.29 -5.50 3.68
N LYS A 10 -2.53 -6.32 4.69
CA LYS A 10 -3.85 -6.76 5.06
C LYS A 10 -4.73 -5.59 5.45
N ALA A 11 -4.21 -4.62 6.19
CA ALA A 11 -4.83 -3.38 6.56
C ALA A 11 -5.10 -2.44 5.41
N ILE A 12 -4.64 -2.75 4.19
CA ILE A 12 -4.89 -2.01 2.98
C ILE A 12 -5.68 -2.83 1.97
N ALA A 13 -5.31 -4.06 1.64
CA ALA A 13 -5.93 -4.84 0.60
C ALA A 13 -7.36 -5.23 0.90
N ALA A 14 -7.65 -5.56 2.16
CA ALA A 14 -8.97 -5.85 2.64
C ALA A 14 -9.84 -4.61 2.75
N ILE A 15 -9.24 -3.44 2.87
CA ILE A 15 -9.90 -2.15 2.89
C ILE A 15 -10.16 -1.65 1.48
N ILE A 16 -9.23 -1.83 0.54
CA ILE A 16 -9.41 -1.69 -0.88
C ILE A 16 -10.60 -2.46 -1.41
N LYS A 17 -10.76 -3.73 -1.03
CA LYS A 17 -11.87 -4.59 -1.32
C LYS A 17 -13.20 -3.96 -0.94
N ALA A 18 -13.27 -3.09 0.07
CA ALA A 18 -14.42 -2.28 0.36
C ALA A 18 -14.41 -0.96 -0.38
N GLY A 19 -13.35 -0.18 -0.32
CA GLY A 19 -13.26 1.16 -0.83
C GLY A 19 -13.36 1.29 -2.33
N GLY A 20 -12.58 0.52 -3.06
CA GLY A 20 -12.47 0.55 -4.49
C GLY A 20 -11.60 1.68 -5.01
N PHE A 21 -10.34 1.72 -4.62
CA PHE A 21 -9.41 2.82 -4.70
C PHE A 21 -9.07 3.26 -6.10
N ALA B 2 -10.97 6.21 -3.45
CA ALA B 2 -9.94 6.68 -2.57
C ALA B 2 -10.39 7.54 -1.41
N LYS B 3 -11.69 7.71 -1.23
CA LYS B 3 -12.30 8.21 -0.03
C LYS B 3 -11.96 7.43 1.21
N ALA B 4 -11.67 6.13 1.10
CA ALA B 4 -11.20 5.24 2.11
C ALA B 4 -9.73 5.38 2.44
N ALA B 5 -8.96 6.15 1.71
CA ALA B 5 -7.52 6.07 1.67
C ALA B 5 -6.79 6.61 2.88
N ALA B 6 -7.18 7.75 3.42
CA ALA B 6 -6.51 8.32 4.56
C ALA B 6 -6.53 7.38 5.76
N ALA B 7 -7.55 6.59 5.98
CA ALA B 7 -7.56 5.53 6.96
C ALA B 7 -6.67 4.37 6.56
N ALA B 8 -6.68 3.90 5.33
CA ALA B 8 -6.01 2.71 4.89
C ALA B 8 -4.50 2.90 4.82
N ILE B 9 -4.11 4.03 4.25
CA ILE B 9 -2.74 4.40 3.94
C ILE B 9 -2.00 4.82 5.20
N LYS B 10 -2.70 5.41 6.16
CA LYS B 10 -2.13 5.68 7.45
C LYS B 10 -1.73 4.42 8.18
N ALA B 11 -2.54 3.38 8.10
CA ALA B 11 -2.28 2.03 8.54
C ALA B 11 -1.24 1.25 7.77
N ILE B 12 -0.72 1.79 6.67
CA ILE B 12 0.40 1.30 5.90
C ILE B 12 1.66 2.14 6.03
N ALA B 13 1.63 3.45 5.84
CA ALA B 13 2.83 4.27 5.85
C ALA B 13 3.51 4.34 7.21
N ALA B 14 2.72 4.35 8.28
CA ALA B 14 3.18 4.30 9.65
C ALA B 14 3.73 2.94 10.05
N ILE B 15 3.30 1.90 9.36
CA ILE B 15 3.75 0.53 9.54
C ILE B 15 4.95 0.26 8.67
N ILE B 16 5.08 0.79 7.46
CA ILE B 16 6.28 0.90 6.67
C ILE B 16 7.46 1.48 7.44
N LYS B 17 7.23 2.55 8.19
CA LYS B 17 8.22 3.22 9.00
C LYS B 17 8.87 2.27 10.00
N ALA B 18 8.16 1.23 10.43
CA ALA B 18 8.66 0.15 11.25
C ALA B 18 9.18 -1.03 10.46
N GLY B 19 8.57 -1.42 9.37
CA GLY B 19 8.88 -2.58 8.58
C GLY B 19 10.07 -2.47 7.65
N GLY B 20 10.45 -1.28 7.21
CA GLY B 20 11.62 -1.08 6.40
C GLY B 20 11.51 -1.60 4.98
N PHE B 21 10.36 -1.44 4.34
CA PHE B 21 10.04 -1.94 3.02
C PHE B 21 10.88 -1.39 1.90
N ALA C 2 5.32 -12.16 -0.17
CA ALA C 2 5.98 -10.91 0.11
C ALA C 2 7.36 -10.70 -0.47
N LYS C 3 7.78 -11.52 -1.42
CA LYS C 3 8.99 -11.37 -2.20
C LYS C 3 8.87 -10.21 -3.17
N ALA C 4 7.66 -9.84 -3.52
CA ALA C 4 7.28 -8.66 -4.29
C ALA C 4 7.35 -7.36 -3.52
N ALA C 5 7.41 -7.41 -2.18
CA ALA C 5 6.94 -6.32 -1.35
C ALA C 5 7.88 -5.13 -1.27
N ALA C 6 9.17 -5.32 -1.06
CA ALA C 6 10.16 -4.26 -1.10
C ALA C 6 10.15 -3.54 -2.43
N ALA C 7 10.21 -4.28 -3.52
CA ALA C 7 10.16 -3.76 -4.88
C ALA C 7 8.84 -3.09 -5.20
N ALA C 8 7.73 -3.47 -4.59
CA ALA C 8 6.46 -2.79 -4.75
C ALA C 8 6.52 -1.43 -4.08
N ILE C 9 6.87 -1.44 -2.79
CA ILE C 9 6.69 -0.32 -1.89
C ILE C 9 7.80 0.70 -1.99
N LYS C 10 8.97 0.36 -2.54
CA LYS C 10 10.00 1.32 -2.84
C LYS C 10 9.61 2.32 -3.92
N ALA C 11 8.62 1.99 -4.74
CA ALA C 11 7.82 2.96 -5.46
C ALA C 11 6.79 3.61 -4.55
N ILE C 12 5.88 2.85 -3.97
CA ILE C 12 4.66 3.35 -3.37
C ILE C 12 4.89 4.19 -2.15
N ALA C 13 5.86 3.91 -1.28
CA ALA C 13 6.17 4.78 -0.17
C ALA C 13 6.76 6.12 -0.57
N ALA C 14 7.43 6.19 -1.71
CA ALA C 14 8.01 7.39 -2.24
C ALA C 14 6.96 8.25 -2.91
N ILE C 15 6.01 7.57 -3.56
CA ILE C 15 4.83 8.10 -4.19
C ILE C 15 3.92 8.67 -3.12
N ILE C 16 3.67 7.97 -2.03
CA ILE C 16 2.99 8.44 -0.84
C ILE C 16 3.60 9.70 -0.26
N LYS C 17 4.92 9.71 -0.10
CA LYS C 17 5.66 10.82 0.43
C LYS C 17 5.49 12.09 -0.39
N ALA C 18 5.21 12.01 -1.68
CA ALA C 18 4.75 13.09 -2.51
C ALA C 18 3.25 13.33 -2.44
N GLY C 19 2.44 12.28 -2.56
CA GLY C 19 1.03 12.38 -2.80
C GLY C 19 0.16 12.66 -1.60
N GLY C 20 0.65 12.53 -0.37
CA GLY C 20 -0.05 12.87 0.84
C GLY C 20 -1.34 12.11 1.04
N PHE C 21 -1.33 10.80 0.91
CA PHE C 21 -2.47 9.93 0.77
C PHE C 21 -3.39 9.94 1.96
N ALA D 2 -3.08 13.42 -3.47
CA ALA D 2 -3.91 12.26 -3.63
C ALA D 2 -4.24 11.86 -5.04
N LYS D 3 -3.68 12.49 -6.07
CA LYS D 3 -3.85 12.16 -7.47
C LYS D 3 -3.27 10.79 -7.78
N ALA D 4 -2.16 10.47 -7.13
CA ALA D 4 -1.56 9.16 -7.06
C ALA D 4 -2.42 8.09 -6.42
N ALA D 5 -3.44 8.42 -5.65
CA ALA D 5 -4.14 7.51 -4.79
C ALA D 5 -5.23 6.69 -5.47
N ALA D 6 -5.23 6.69 -6.80
CA ALA D 6 -5.79 5.66 -7.63
C ALA D 6 -4.65 4.94 -8.31
N ALA D 7 -3.81 5.62 -9.07
CA ALA D 7 -2.77 5.07 -9.89
C ALA D 7 -1.76 4.22 -9.14
N ALA D 8 -1.35 4.62 -7.94
CA ALA D 8 -0.41 3.93 -7.09
C ALA D 8 -1.00 2.61 -6.62
N ILE D 9 -2.28 2.68 -6.25
CA ILE D 9 -3.08 1.60 -5.73
C ILE D 9 -3.31 0.57 -6.83
N LYS D 10 -3.61 1.03 -8.03
CA LYS D 10 -3.89 0.20 -9.19
C LYS D 10 -2.69 -0.60 -9.67
N ALA D 11 -1.49 -0.11 -9.44
CA ALA D 11 -0.26 -0.89 -9.42
C ALA D 11 -0.28 -1.88 -8.27
N ILE D 12 -0.36 -1.42 -7.03
CA ILE D 12 -0.09 -2.23 -5.87
C ILE D 12 -1.07 -3.38 -5.71
N ALA D 13 -2.37 -3.17 -5.94
CA ALA D 13 -3.32 -4.25 -5.86
C ALA D 13 -3.15 -5.31 -6.94
N ALA D 14 -2.68 -4.97 -8.12
CA ALA D 14 -2.33 -5.89 -9.18
C ALA D 14 -1.04 -6.64 -8.91
N ILE D 15 -0.11 -5.99 -8.23
CA ILE D 15 1.15 -6.52 -7.75
C ILE D 15 0.90 -7.48 -6.61
N ILE D 16 -0.01 -7.18 -5.66
CA ILE D 16 -0.49 -8.04 -4.62
C ILE D 16 -1.12 -9.31 -5.14
N LYS D 17 -1.95 -9.22 -6.17
CA LYS D 17 -2.54 -10.32 -6.88
C LYS D 17 -1.50 -11.26 -7.49
N ALA D 18 -0.31 -10.78 -7.79
CA ALA D 18 0.80 -11.62 -8.15
C ALA D 18 1.61 -12.10 -6.97
N GLY D 19 1.92 -11.25 -6.04
CA GLY D 19 2.89 -11.43 -4.99
C GLY D 19 2.46 -12.10 -3.74
N GLY D 20 1.23 -12.10 -3.31
CA GLY D 20 0.82 -12.78 -2.12
C GLY D 20 1.38 -12.15 -0.86
N PHE D 21 1.07 -10.91 -0.55
CA PHE D 21 1.65 -10.08 0.47
C PHE D 21 1.19 -10.42 1.87
N ALA A 2 11.00 -7.89 5.67
CA ALA A 2 9.73 -8.48 5.34
C ALA A 2 8.94 -9.11 6.46
N LYS A 3 9.41 -9.04 7.70
CA LYS A 3 8.73 -9.45 8.89
C LYS A 3 7.44 -8.69 9.08
N ALA A 4 7.40 -7.45 8.64
CA ALA A 4 6.29 -6.52 8.68
C ALA A 4 5.31 -6.66 7.53
N ALA A 5 5.67 -7.43 6.51
CA ALA A 5 4.99 -7.39 5.24
C ALA A 5 3.52 -7.79 5.32
N ALA A 6 3.22 -8.97 5.85
CA ALA A 6 1.87 -9.44 6.04
C ALA A 6 0.96 -8.44 6.72
N ALA A 7 1.44 -7.79 7.75
CA ALA A 7 0.76 -6.71 8.44
C ALA A 7 0.48 -5.49 7.60
N ALA A 8 1.31 -5.15 6.63
CA ALA A 8 1.05 -4.06 5.72
C ALA A 8 0.07 -4.47 4.63
N ILE A 9 0.20 -5.68 4.11
CA ILE A 9 -0.71 -6.18 3.10
C ILE A 9 -2.11 -6.34 3.65
N LYS A 10 -2.22 -7.01 4.80
CA LYS A 10 -3.50 -7.43 5.34
C LYS A 10 -4.30 -6.30 5.96
N ALA A 11 -3.66 -5.18 6.27
CA ALA A 11 -4.32 -3.90 6.21
C ALA A 11 -4.74 -3.54 4.79
N ILE A 12 -3.82 -3.11 3.93
CA ILE A 12 -4.11 -2.32 2.77
C ILE A 12 -4.96 -3.06 1.75
N ALA A 13 -4.76 -4.35 1.50
CA ALA A 13 -5.56 -5.04 0.51
C ALA A 13 -6.97 -5.31 0.99
N ALA A 14 -7.15 -5.51 2.29
CA ALA A 14 -8.45 -5.66 2.92
C ALA A 14 -9.20 -4.34 3.02
N ILE A 15 -8.46 -3.25 3.22
CA ILE A 15 -8.97 -1.89 3.24
C ILE A 15 -9.36 -1.50 1.83
N ILE A 16 -8.61 -1.83 0.79
CA ILE A 16 -8.97 -1.73 -0.61
C ILE A 16 -10.26 -2.44 -0.93
N LYS A 17 -10.41 -3.70 -0.50
CA LYS A 17 -11.62 -4.48 -0.64
C LYS A 17 -12.83 -3.82 -0.03
N ALA A 18 -12.69 -3.02 1.01
CA ALA A 18 -13.72 -2.19 1.57
C ALA A 18 -13.92 -0.86 0.88
N GLY A 19 -12.85 -0.16 0.50
CA GLY A 19 -12.87 1.16 -0.07
C GLY A 19 -13.42 1.22 -1.48
N GLY A 20 -13.00 0.32 -2.34
CA GLY A 20 -13.38 0.24 -3.73
C GLY A 20 -12.42 0.92 -4.68
N PHE A 21 -11.15 1.04 -4.33
CA PHE A 21 -10.11 1.66 -5.09
C PHE A 21 -9.77 0.93 -6.36
N ALA B 2 -11.25 6.34 -3.45
CA ALA B 2 -10.27 7.09 -2.69
C ALA B 2 -10.85 7.91 -1.57
N LYS B 3 -12.15 7.87 -1.31
CA LYS B 3 -12.75 8.24 -0.05
C LYS B 3 -12.06 7.57 1.12
N ALA B 4 -11.61 6.34 0.94
CA ALA B 4 -10.94 5.50 1.91
C ALA B 4 -9.44 5.67 1.97
N ALA B 5 -8.86 6.54 1.13
CA ALA B 5 -7.42 6.63 1.00
C ALA B 5 -6.68 6.99 2.26
N ALA B 6 -7.02 8.07 2.94
CA ALA B 6 -6.33 8.45 4.15
C ALA B 6 -6.33 7.34 5.17
N ALA B 7 -7.44 6.66 5.34
CA ALA B 7 -7.60 5.50 6.19
C ALA B 7 -6.73 4.35 5.77
N ALA B 8 -6.50 4.09 4.51
CA ALA B 8 -5.64 3.01 4.07
C ALA B 8 -4.17 3.36 4.23
N ILE B 9 -3.83 4.58 3.82
CA ILE B 9 -2.47 5.02 3.63
C ILE B 9 -1.81 5.30 4.97
N LYS B 10 -2.57 5.86 5.92
CA LYS B 10 -2.13 6.20 7.25
C LYS B 10 -1.92 4.99 8.13
N ALA B 11 -2.53 3.87 7.77
CA ALA B 11 -2.10 2.56 8.21
C ALA B 11 -0.75 2.26 7.58
N ILE B 12 -0.70 2.14 6.25
CA ILE B 12 0.40 1.50 5.57
C ILE B 12 1.69 2.28 5.68
N ALA B 13 1.67 3.61 5.57
CA ALA B 13 2.88 4.36 5.78
C ALA B 13 3.41 4.26 7.19
N ALA B 14 2.56 4.11 8.20
CA ALA B 14 2.93 3.99 9.60
C ALA B 14 3.46 2.60 9.89
N ILE B 15 2.87 1.59 9.28
CA ILE B 15 3.30 0.21 9.30
C ILE B 15 4.66 0.11 8.62
N ILE B 16 4.90 0.82 7.53
CA ILE B 16 6.18 0.97 6.87
C ILE B 16 7.24 1.58 7.77
N LYS B 17 6.93 2.72 8.39
CA LYS B 17 7.78 3.42 9.31
C LYS B 17 8.23 2.54 10.47
N ALA B 18 7.44 1.54 10.84
CA ALA B 18 7.81 0.51 11.78
C ALA B 18 8.52 -0.67 11.16
N GLY B 19 8.14 -1.14 9.98
CA GLY B 19 8.63 -2.32 9.33
C GLY B 19 9.95 -2.24 8.61
N GLY B 20 10.42 -1.06 8.24
CA GLY B 20 11.73 -0.86 7.70
C GLY B 20 11.87 -1.26 6.25
N PHE B 21 10.77 -1.27 5.51
CA PHE B 21 10.67 -1.60 4.12
C PHE B 21 11.51 -0.78 3.19
N ALA C 2 6.33 -12.91 0.31
CA ALA C 2 6.84 -11.61 0.61
C ALA C 2 8.12 -11.19 -0.07
N LYS C 3 8.60 -11.92 -1.06
CA LYS C 3 9.66 -11.54 -1.94
C LYS C 3 9.28 -10.37 -2.80
N ALA C 4 8.03 -10.26 -3.15
CA ALA C 4 7.36 -9.18 -3.84
C ALA C 4 7.16 -7.95 -3.00
N ALA C 5 7.29 -8.04 -1.68
CA ALA C 5 6.95 -6.98 -0.78
C ALA C 5 7.71 -5.71 -1.09
N ALA C 6 9.05 -5.74 -1.06
CA ALA C 6 9.92 -4.63 -1.36
C ALA C 6 9.98 -4.25 -2.83
N ALA C 7 9.11 -4.75 -3.70
CA ALA C 7 8.68 -4.02 -4.88
C ALA C 7 7.42 -3.24 -4.60
N ALA C 8 6.32 -3.87 -4.19
CA ALA C 8 4.99 -3.34 -4.08
C ALA C 8 4.87 -2.10 -3.20
N ILE C 9 5.18 -2.22 -1.92
CA ILE C 9 4.99 -1.18 -0.95
C ILE C 9 6.04 -0.08 -1.08
N LYS C 10 7.17 -0.42 -1.68
CA LYS C 10 8.32 0.43 -1.86
C LYS C 10 8.05 1.43 -2.97
N ALA C 11 7.39 0.98 -4.03
CA ALA C 11 6.76 1.84 -4.99
C ALA C 11 5.79 2.77 -4.31
N ILE C 12 4.85 2.25 -3.52
CA ILE C 12 3.84 3.02 -2.86
C ILE C 12 4.39 4.07 -1.92
N ALA C 13 5.45 3.79 -1.18
CA ALA C 13 6.04 4.77 -0.30
C ALA C 13 6.73 5.92 -1.01
N ALA C 14 7.35 5.65 -2.15
CA ALA C 14 7.95 6.63 -3.02
C ALA C 14 6.91 7.47 -3.72
N ILE C 15 5.81 6.85 -4.14
CA ILE C 15 4.62 7.41 -4.74
C ILE C 15 3.92 8.31 -3.74
N ILE C 16 3.73 7.89 -2.50
CA ILE C 16 3.28 8.69 -1.38
C ILE C 16 4.06 9.96 -1.10
N LYS C 17 5.39 9.81 -1.10
CA LYS C 17 6.32 10.90 -0.95
C LYS C 17 6.13 12.00 -1.98
N ALA C 18 5.60 11.71 -3.15
CA ALA C 18 5.09 12.65 -4.13
C ALA C 18 3.61 12.98 -3.99
N GLY C 19 2.76 12.04 -3.70
CA GLY C 19 1.31 12.13 -3.70
C GLY C 19 0.63 12.71 -2.49
N GLY C 20 1.26 12.85 -1.34
CA GLY C 20 0.78 13.61 -0.20
C GLY C 20 -0.47 13.05 0.43
N PHE C 21 -0.56 11.77 0.63
CA PHE C 21 -1.73 11.02 1.02
C PHE C 21 -2.13 11.23 2.45
N ALA D 2 -3.53 13.32 -2.37
CA ALA D 2 -4.38 12.21 -2.73
C ALA D 2 -4.95 12.23 -4.13
N LYS D 3 -4.55 13.14 -5.02
CA LYS D 3 -4.83 13.06 -6.43
C LYS D 3 -4.23 11.83 -7.08
N ALA D 4 -3.11 11.37 -6.53
CA ALA D 4 -2.44 10.12 -6.82
C ALA D 4 -3.19 8.88 -6.40
N ALA D 5 -4.31 8.95 -5.70
CA ALA D 5 -4.96 7.84 -5.04
C ALA D 5 -5.91 7.02 -5.84
N ALA D 6 -5.87 7.12 -7.17
CA ALA D 6 -6.16 6.01 -8.04
C ALA D 6 -4.88 5.40 -8.57
N ALA D 7 -3.99 6.18 -9.15
CA ALA D 7 -2.80 5.74 -9.83
C ALA D 7 -1.87 4.91 -8.97
N ALA D 8 -1.72 5.23 -7.70
CA ALA D 8 -0.89 4.53 -6.76
C ALA D 8 -1.43 3.14 -6.48
N ILE D 9 -2.74 3.11 -6.28
CA ILE D 9 -3.50 1.92 -5.99
C ILE D 9 -3.48 0.96 -7.16
N LYS D 10 -3.71 1.48 -8.36
CA LYS D 10 -3.81 0.68 -9.57
C LYS D 10 -2.51 0.00 -9.94
N ALA D 11 -1.36 0.54 -9.55
CA ALA D 11 -0.12 -0.18 -9.46
C ALA D 11 -0.16 -1.25 -8.38
N ILE D 12 -0.29 -0.84 -7.12
CA ILE D 12 -0.14 -1.70 -5.97
C ILE D 12 -1.09 -2.89 -5.97
N ALA D 13 -2.39 -2.69 -6.16
CA ALA D 13 -3.39 -3.74 -6.19
C ALA D 13 -3.45 -4.51 -7.49
N ALA D 14 -2.38 -4.42 -8.28
CA ALA D 14 -2.00 -5.35 -9.32
C ALA D 14 -0.68 -6.02 -9.03
N ILE D 15 0.29 -5.32 -8.45
CA ILE D 15 1.53 -5.83 -7.94
C ILE D 15 1.28 -6.81 -6.81
N ILE D 16 0.22 -6.63 -6.02
CA ILE D 16 -0.34 -7.52 -5.04
C ILE D 16 -0.61 -8.91 -5.59
N LYS D 17 -1.40 -8.91 -6.65
CA LYS D 17 -1.95 -10.05 -7.33
C LYS D 17 -0.92 -10.91 -8.03
N ALA D 18 0.10 -10.24 -8.54
CA ALA D 18 1.33 -10.77 -9.07
C ALA D 18 2.26 -11.27 -8.00
N GLY D 19 2.36 -10.55 -6.89
CA GLY D 19 3.21 -10.83 -5.78
C GLY D 19 2.76 -11.99 -4.95
N GLY D 20 1.50 -12.26 -4.84
CA GLY D 20 0.91 -13.41 -4.26
C GLY D 20 0.49 -13.22 -2.82
N PHE D 21 0.56 -12.01 -2.30
CA PHE D 21 0.24 -11.69 -0.94
C PHE D 21 -1.18 -12.02 -0.62
N ALA A 2 10.61 -6.54 5.27
CA ALA A 2 9.48 -7.34 4.87
C ALA A 2 9.04 -8.35 5.90
N LYS A 3 9.71 -8.45 7.04
CA LYS A 3 9.22 -9.04 8.26
C LYS A 3 7.87 -8.50 8.66
N ALA A 4 7.63 -7.23 8.38
CA ALA A 4 6.42 -6.49 8.64
C ALA A 4 5.35 -6.63 7.58
N ALA A 5 5.60 -7.34 6.49
CA ALA A 5 4.82 -7.25 5.27
C ALA A 5 3.37 -7.64 5.50
N ALA A 6 3.08 -8.80 6.08
CA ALA A 6 1.73 -9.26 6.28
C ALA A 6 0.85 -8.27 6.99
N ALA A 7 1.39 -7.54 7.96
CA ALA A 7 0.74 -6.45 8.64
C ALA A 7 0.38 -5.27 7.75
N ALA A 8 1.20 -4.93 6.77
CA ALA A 8 0.96 -3.83 5.85
C ALA A 8 -0.04 -4.23 4.79
N ILE A 9 0.13 -5.43 4.24
CA ILE A 9 -0.70 -5.93 3.18
C ILE A 9 -2.11 -6.20 3.68
N LYS A 10 -2.25 -6.86 4.82
CA LYS A 10 -3.52 -7.37 5.30
C LYS A 10 -4.41 -6.25 5.81
N ALA A 11 -3.82 -5.13 6.23
CA ALA A 11 -4.52 -3.87 6.26
C ALA A 11 -5.04 -3.41 4.90
N ILE A 12 -4.12 -3.04 4.02
CA ILE A 12 -4.42 -2.41 2.76
C ILE A 12 -5.32 -3.24 1.86
N ALA A 13 -5.02 -4.50 1.54
CA ALA A 13 -5.81 -5.32 0.65
C ALA A 13 -7.13 -5.81 1.22
N ALA A 14 -7.54 -5.29 2.36
CA ALA A 14 -8.89 -5.33 2.90
C ALA A 14 -9.56 -3.98 2.78
N ILE A 15 -8.81 -2.91 3.03
CA ILE A 15 -9.19 -1.52 2.90
C ILE A 15 -9.47 -1.15 1.46
N ILE A 16 -8.65 -1.61 0.50
CA ILE A 16 -8.80 -1.55 -0.93
C ILE A 16 -10.23 -1.82 -1.35
N LYS A 17 -10.66 -3.02 -0.98
CA LYS A 17 -11.90 -3.68 -1.31
C LYS A 17 -13.13 -3.02 -0.73
N ALA A 18 -12.97 -2.56 0.51
CA ALA A 18 -13.92 -1.78 1.26
C ALA A 18 -14.04 -0.38 0.74
N GLY A 19 -12.97 0.19 0.20
CA GLY A 19 -12.95 1.49 -0.38
C GLY A 19 -13.61 1.54 -1.73
N GLY A 20 -13.07 0.78 -2.66
CA GLY A 20 -13.46 0.77 -4.05
C GLY A 20 -12.37 1.10 -5.03
N PHE A 21 -11.16 1.30 -4.54
CA PHE A 21 -10.03 1.73 -5.29
C PHE A 21 -9.16 0.64 -5.82
N ALA B 2 -11.64 6.39 -3.27
CA ALA B 2 -10.73 7.16 -2.46
C ALA B 2 -11.31 7.68 -1.17
N LYS B 3 -12.55 7.34 -0.83
CA LYS B 3 -13.10 7.40 0.49
C LYS B 3 -12.25 6.70 1.53
N ALA B 4 -11.53 5.66 1.16
CA ALA B 4 -10.61 4.89 1.96
C ALA B 4 -9.17 5.36 2.00
N ALA B 5 -8.88 6.46 1.30
CA ALA B 5 -7.53 6.90 1.05
C ALA B 5 -6.89 7.73 2.15
N ALA B 6 -7.50 7.95 3.30
CA ALA B 6 -6.76 8.14 4.51
C ALA B 6 -6.41 6.81 5.11
N ALA B 7 -7.39 5.93 5.33
CA ALA B 7 -7.30 4.70 6.05
C ALA B 7 -6.26 3.73 5.49
N ALA B 8 -6.16 3.60 4.17
CA ALA B 8 -5.21 2.70 3.55
C ALA B 8 -3.78 3.16 3.74
N ILE B 9 -3.60 4.46 3.67
CA ILE B 9 -2.32 5.14 3.71
C ILE B 9 -1.83 5.28 5.13
N LYS B 10 -2.72 5.61 6.06
CA LYS B 10 -2.43 5.81 7.46
C LYS B 10 -2.27 4.52 8.25
N ALA B 11 -2.78 3.42 7.72
CA ALA B 11 -2.14 2.14 7.90
C ALA B 11 -0.74 2.13 7.34
N ILE B 12 -0.62 2.04 6.01
CA ILE B 12 0.55 1.47 5.38
C ILE B 12 1.80 2.31 5.56
N ALA B 13 1.75 3.64 5.50
CA ALA B 13 2.93 4.45 5.70
C ALA B 13 3.46 4.45 7.13
N ALA B 14 2.60 4.21 8.11
CA ALA B 14 2.93 4.09 9.51
C ALA B 14 3.43 2.71 9.87
N ILE B 15 2.90 1.68 9.20
CA ILE B 15 3.33 0.30 9.29
C ILE B 15 4.69 0.16 8.63
N ILE B 16 4.94 0.83 7.53
CA ILE B 16 6.25 0.97 6.92
C ILE B 16 7.31 1.58 7.82
N LYS B 17 6.95 2.66 8.52
CA LYS B 17 7.79 3.30 9.49
C LYS B 17 8.11 2.40 10.66
N ALA B 18 7.29 1.41 10.98
CA ALA B 18 7.58 0.38 11.95
C ALA B 18 8.42 -0.75 11.38
N GLY B 19 8.03 -1.28 10.23
CA GLY B 19 8.71 -2.36 9.56
C GLY B 19 10.14 -2.10 9.13
N GLY B 20 10.40 -0.94 8.55
CA GLY B 20 11.64 -0.55 7.92
C GLY B 20 11.86 -1.17 6.56
N PHE B 21 10.82 -1.21 5.75
CA PHE B 21 10.77 -1.84 4.45
C PHE B 21 11.81 -1.34 3.46
N ALA C 2 6.53 -12.63 -0.81
CA ALA C 2 7.84 -12.76 -0.24
C ALA C 2 8.90 -12.00 -1.00
N LYS C 3 8.91 -12.03 -2.30
CA LYS C 3 9.81 -11.36 -3.19
C LYS C 3 9.18 -10.21 -3.95
N ALA C 4 7.87 -10.09 -3.97
CA ALA C 4 7.13 -8.99 -4.54
C ALA C 4 7.03 -7.76 -3.67
N ALA C 5 7.44 -7.87 -2.42
CA ALA C 5 7.16 -6.92 -1.37
C ALA C 5 7.58 -5.51 -1.70
N ALA C 6 8.86 -5.27 -1.96
CA ALA C 6 9.40 -3.97 -2.27
C ALA C 6 8.80 -3.30 -3.48
N ALA C 7 8.41 -4.07 -4.49
CA ALA C 7 7.74 -3.61 -5.68
C ALA C 7 6.32 -3.18 -5.41
N ALA C 8 5.64 -3.75 -4.42
CA ALA C 8 4.44 -3.17 -3.85
C ALA C 8 4.75 -2.00 -2.96
N ILE C 9 5.12 -2.23 -1.70
CA ILE C 9 4.96 -1.27 -0.64
C ILE C 9 5.94 -0.12 -0.68
N LYS C 10 7.09 -0.37 -1.30
CA LYS C 10 8.24 0.51 -1.24
C LYS C 10 8.22 1.47 -2.40
N ALA C 11 7.78 0.98 -3.55
CA ALA C 11 7.30 1.79 -4.64
C ALA C 11 6.20 2.70 -4.13
N ILE C 12 5.22 2.19 -3.40
CA ILE C 12 4.15 2.97 -2.84
C ILE C 12 4.61 3.99 -1.81
N ALA C 13 5.61 3.72 -0.98
CA ALA C 13 6.12 4.73 -0.09
C ALA C 13 6.80 5.89 -0.80
N ALA C 14 7.39 5.64 -1.96
CA ALA C 14 7.99 6.60 -2.83
C ALA C 14 6.99 7.38 -3.66
N ILE C 15 5.90 6.72 -4.08
CA ILE C 15 4.74 7.31 -4.71
C ILE C 15 3.96 8.16 -3.72
N ILE C 16 3.86 7.81 -2.44
CA ILE C 16 3.36 8.63 -1.37
C ILE C 16 4.14 9.91 -1.15
N LYS C 17 5.47 9.79 -1.14
CA LYS C 17 6.41 10.89 -1.09
C LYS C 17 6.21 11.90 -2.19
N ALA C 18 5.66 11.51 -3.32
CA ALA C 18 5.20 12.37 -4.38
C ALA C 18 3.76 12.79 -4.24
N GLY C 19 2.86 11.88 -3.95
CA GLY C 19 1.43 12.05 -3.95
C GLY C 19 0.87 12.84 -2.79
N GLY C 20 1.53 12.96 -1.65
CA GLY C 20 1.12 13.87 -0.60
C GLY C 20 -0.05 13.40 0.22
N PHE C 21 -0.26 12.09 0.31
CA PHE C 21 -1.26 11.39 1.08
C PHE C 21 -1.19 11.73 2.54
N ALA D 2 -5.09 13.92 -2.34
CA ALA D 2 -4.46 12.74 -2.83
C ALA D 2 -5.00 12.34 -4.17
N LYS D 3 -4.67 13.10 -5.21
CA LYS D 3 -4.93 12.75 -6.57
C LYS D 3 -4.30 11.45 -7.01
N ALA D 4 -3.18 11.06 -6.39
CA ALA D 4 -2.46 9.83 -6.60
C ALA D 4 -3.17 8.59 -6.11
N ALA D 5 -4.35 8.71 -5.52
CA ALA D 5 -5.08 7.64 -4.90
C ALA D 5 -5.88 6.76 -5.84
N ALA D 6 -5.56 6.78 -7.12
CA ALA D 6 -5.74 5.66 -8.01
C ALA D 6 -4.44 5.07 -8.45
N ALA D 7 -3.48 5.89 -8.84
CA ALA D 7 -2.18 5.51 -9.34
C ALA D 7 -1.34 4.70 -8.38
N ALA D 8 -1.37 5.05 -7.11
CA ALA D 8 -0.67 4.30 -6.08
C ALA D 8 -1.31 2.94 -5.89
N ILE D 9 -2.62 2.88 -6.03
CA ILE D 9 -3.41 1.69 -5.84
C ILE D 9 -3.19 0.67 -6.94
N LYS D 10 -3.18 1.15 -8.17
CA LYS D 10 -2.88 0.38 -9.36
C LYS D 10 -1.47 -0.16 -9.35
N ALA D 11 -0.52 0.57 -8.79
CA ALA D 11 0.83 0.17 -8.51
C ALA D 11 1.03 -0.68 -7.27
N ILE D 12 0.01 -1.05 -6.53
CA ILE D 12 0.04 -2.06 -5.50
C ILE D 12 -0.88 -3.23 -5.77
N ALA D 13 -2.17 -3.04 -6.06
CA ALA D 13 -3.12 -4.11 -6.15
C ALA D 13 -2.86 -5.12 -7.24
N ALA D 14 -2.27 -4.65 -8.34
CA ALA D 14 -1.82 -5.46 -9.44
C ALA D 14 -0.54 -6.20 -9.16
N ILE D 15 0.32 -5.63 -8.32
CA ILE D 15 1.56 -6.21 -7.87
C ILE D 15 1.22 -7.28 -6.83
N ILE D 16 0.27 -7.02 -5.95
CA ILE D 16 -0.34 -7.95 -5.03
C ILE D 16 -0.92 -9.18 -5.72
N LYS D 17 -1.68 -8.97 -6.79
CA LYS D 17 -2.21 -10.00 -7.64
C LYS D 17 -1.12 -10.89 -8.19
N ALA D 18 0.09 -10.40 -8.40
CA ALA D 18 1.22 -11.17 -8.84
C ALA D 18 2.05 -11.77 -7.73
N GLY D 19 2.19 -11.11 -6.61
CA GLY D 19 2.93 -11.57 -5.46
C GLY D 19 2.18 -12.56 -4.60
N GLY D 20 0.86 -12.53 -4.54
CA GLY D 20 0.06 -13.46 -3.81
C GLY D 20 0.17 -13.26 -2.30
N PHE D 21 0.28 -12.03 -1.85
CA PHE D 21 0.47 -11.63 -0.48
C PHE D 21 -0.55 -12.16 0.49
#